data_7TT7
#
_entry.id   7TT7
#
_cell.length_a   1.00
_cell.length_b   1.00
_cell.length_c   1.00
_cell.angle_alpha   90.00
_cell.angle_beta   90.00
_cell.angle_gamma   90.00
#
_symmetry.space_group_name_H-M   'P 1'
#
loop_
_entity.id
_entity.type
_entity.pdbx_description
1 polymer 'Outer membrane protein assembly factor BamA'
2 polymer 'Outer membrane protein assembly factor BamC'
3 polymer 'Outer membrane protein assembly factor BamE'
4 polymer 'Outer membrane protein assembly factor BamD'
5 polymer 'Maltose/maltodextrin-binding periplasmic protein,Serine protease EspP chimera'
#
loop_
_entity_poly.entity_id
_entity_poly.type
_entity_poly.pdbx_seq_one_letter_code
_entity_poly.pdbx_strand_id
1 'polypeptide(L)'
;AHHHHHHHHGGEGFVVKDIHFEGLQRVAVGAALLSMPVRTGDTVNDEDISNTIRALFATGNFEDVRVLRDGDTLLVQVKE
RPTIASITFSGNKSVKDDMLKQNLEASGVRVGESLDRTTIADIEKGLEDFYYSVGKYSASVKAVVTPLPRNRVDLKLVFQ
EGVSAEIQQINIVGNHAFTTDELISHFQLRDEVPWWNVVGDRKYQKQKLAGDLETLRSYYLDRGYARFNIDSTQVSLTPD
KKGIYVTVNITEGDQYKLSGVEVSGNLAGHSAEIEQLTKIEPGELYNGTKVTKMEDDIKKLLGRYGYAYPRVQSMPEIND
ADKTVKLRVNVDAGNRFYVRKIRFEGNDTSKDAVLRREMRQMEGAWLGSDLVDQGKERLNRLGFFETVDTDTQRVPGSPD
QVDVVYKVKERNTGCFNFGIGYGTESGVSFQAGVQQDNWLGTGYAVGINGTKNDYQTYAELSVTNPYFTVDGVSLGGRLF
YNDFQADDADLSDYTNKSYGTDVTLGFPINEYNSLRAGLGYVHNSLSNMQPQVAMWRYLYSMGEHPSTSDQDNSFKTDDF
TFNYGWTYNKLDRGYFPTDGSRVNLTGKVTIPGSDNEYYKVTLDTATYVPIDDDHKWVVLGRTRWGYGDGLGGKEMPFYE
NFYAGGSSTVRGFQSNTIGPKAVYFPHQASNYDPDYDYECATQDGAKDLCKSDDAVGGNAMAVASLEFITPTPFISDKYA
NSVRTSFFWDMGTVWDTNWDSSQYSGYPDYSDPSNIRMSAGIALQWMSPLGPLVFSYAQPFKKYDGDKAEQFQFNIGKTW
;
A
2 'polypeptide(L)'
;CSSDSRYKRQVSGDEAYLEAAPLAELHAPAGMILPVTSGDYAIPVTNGSGAVGKALDIRPPAQPLALVSGARTQFTGDTA
SLLVENGRGNTLWPQVVSVLQAKNYTITQRDDAGQTLTTDWVQWNRLDEDEQYRGRYQISVKPQGYQQAVTVKLLNLEQA
GKPVADAASMQRYSTEMMNVISAGLDKSATDAANAAQNRASTTMDVQSAADDTGLPMLVVRGPFNVVWQRLPAALEKVGM
KVTDSTRSQGNMAVTYKPLSDSDWQELGASDPGLASGDYKLQVGDLDNRSSLQFIDPKGHTLTQSQNDALVAVFQAAFSK
;
C
3 'polypeptide(L)'
;CSTLERVVYRPDINQGNYLTANDVSKIRVGMTQQQVAYALGTPLMSDPFGTNTWFYVFRQQPGHEGVTQQTLTLTFNSSG
VLTNIDNKPALSGN
;
E
4 'polypeptide(L)'
;CSGSKEEVPDNPPNEIYATAQQKLQDGNWRQAITQLEALDNRYPFGPYSQQVQLDLIYAYYKNADLPLAQAAIDRFIRLN
PTHPNIDYVMYMRGLTNMALDDSALQGFFGVDRSDRDPQHARAAFSDFSKLVRGYPNSQYTTDATKRLVFLKDRLAKYEY
SVAEYYTERGAWVAVVNRVEGMLRDYPDTQATRDALPLMENAYRQMQMNAQAEKVAKIIAANSSNT
;
D
5 'polypeptide(L)'
;AWSHPQFEKGGGSGGGSGGSAWSHPQFEKGGAKIEEGKLVIWINGDKGYNGLAEVGKKFEKDTGIKVTVEHPDKLEEKFP
QVAATGDGPDIIFWAHDRFGGYAQSGLLAEITPDKAFQDKLYPFTWDAVRYNGKLIAYPIAVEALSLIYNKDLLPNPPKT
WEEIPALDKELKAKGKSALMFNLQEPYFTWPLIAADGGYAFKYENGKYDIKDVGVDNAGAKAGLTFLVDLIKNKHMNADT
DYSIAEAAFNKGETAMTINGPWAWSNIDTSKVNYGVTVLPTFKGQPSKPFVGVLSAGINAASPNKELAKEFLENYLLTDE
GLEAVNKDKPLGAVALKSYEEELAKDPRIAATMENAQKGEIMPNIPQMSAFWYAVRTAVINAASGRQTVDEALKDAQTNS
GSNIELVSAPKDTNENVFKASKQTIGFSDVTPVITTRETGENLYFQGGDDKITWSLTGYNTVANKEATRNAAALFSVDYK
AFLNEVNNLNKRMGDLRDINGEAGAWARIMSGTGSASGGFSDNYTHVQVGVDKKHELDGLDLFTGFTVTHTDSSASADVF
SGKTKSVGAGLYASAMFDSGAYIDLIGKYVHHDNEYTATFAGLGTRDYSTHSWYAGAEAGYRYHVTEDAWIEPQAELVYG
SVSGKQFAWKDQGMHLSMKDKDYNPLIGRTGVDVGKSFSGKDWKVTARAGLGYQFDLLANGETVLRDASGEKRIKGEKDS
RMLMSVGLNAEIRDNVRFGLEFEKSAFGKYNVDNAVNANFRYCF
;
P
#
# COMPACT_ATOMS: atom_id res chain seq x y z
N VAL A 261 16.04 43.55 -18.09
CA VAL A 261 16.04 42.63 -19.24
C VAL A 261 14.97 43.06 -20.23
N GLU A 262 15.32 43.03 -21.51
CA GLU A 262 14.37 43.34 -22.58
C GLU A 262 13.63 42.08 -22.95
N VAL A 263 12.30 42.16 -22.97
CA VAL A 263 11.43 41.02 -23.24
C VAL A 263 10.63 41.33 -24.50
N SER A 264 10.73 40.48 -25.52
CA SER A 264 10.01 40.73 -26.76
C SER A 264 9.60 39.40 -27.38
N GLY A 265 8.88 39.50 -28.49
CA GLY A 265 8.40 38.33 -29.21
C GLY A 265 6.89 38.21 -29.17
N ASN A 266 6.41 37.01 -29.52
CA ASN A 266 4.98 36.75 -29.61
C ASN A 266 4.52 36.41 -28.19
N LEU A 267 4.41 37.45 -27.38
CA LEU A 267 4.19 37.29 -25.96
C LEU A 267 2.74 36.98 -25.63
N ALA A 268 2.57 36.14 -24.61
CA ALA A 268 1.28 35.75 -24.07
C ALA A 268 0.72 36.85 -23.18
N GLY A 269 -0.57 36.76 -22.89
CA GLY A 269 -1.13 37.69 -21.93
C GLY A 269 -0.56 37.56 -20.53
N HIS A 270 0.29 36.56 -20.32
CA HIS A 270 0.97 36.31 -19.06
C HIS A 270 2.39 36.86 -19.06
N SER A 271 2.74 37.71 -20.03
CA SER A 271 4.10 38.22 -20.11
C SER A 271 4.50 38.96 -18.84
N ALA A 272 3.52 39.47 -18.10
CA ALA A 272 3.83 40.10 -16.82
C ALA A 272 4.56 39.11 -15.93
N GLU A 273 4.17 37.84 -16.02
CA GLU A 273 4.81 36.80 -15.22
C GLU A 273 6.19 36.47 -15.77
N ILE A 274 6.40 36.60 -17.08
CA ILE A 274 7.74 36.40 -17.61
C ILE A 274 8.67 37.45 -17.04
N GLU A 275 8.22 38.71 -17.03
CA GLU A 275 9.07 39.77 -16.49
C GLU A 275 9.31 39.53 -15.01
N GLN A 276 8.26 39.12 -14.28
CA GLN A 276 8.35 38.95 -12.84
C GLN A 276 9.32 37.82 -12.47
N LEU A 277 9.28 36.71 -13.22
CA LEU A 277 10.18 35.59 -12.91
C LEU A 277 11.58 35.87 -13.40
N THR A 278 11.72 36.64 -14.49
CA THR A 278 13.02 36.84 -15.10
C THR A 278 13.80 37.90 -14.34
N LYS A 279 13.12 38.97 -13.94
CA LYS A 279 13.74 40.12 -13.30
C LYS A 279 14.08 39.81 -11.85
N THR A 289 24.25 29.85 -16.00
CA THR A 289 23.15 28.98 -16.37
C THR A 289 21.80 29.53 -15.94
N LYS A 290 21.80 30.74 -15.35
CA LYS A 290 20.55 31.33 -14.91
C LYS A 290 19.62 31.63 -16.08
N VAL A 291 20.17 32.05 -17.22
CA VAL A 291 19.30 32.38 -18.35
C VAL A 291 18.61 31.12 -18.86
N THR A 292 19.35 30.02 -19.00
CA THR A 292 18.73 28.79 -19.47
C THR A 292 17.63 28.36 -18.50
N LYS A 293 17.90 28.42 -17.20
CA LYS A 293 16.89 28.04 -16.22
C LYS A 293 15.67 28.93 -16.38
N MET A 294 15.89 30.24 -16.48
CA MET A 294 14.77 31.16 -16.64
C MET A 294 13.94 30.76 -17.84
N GLU A 295 14.60 30.42 -18.95
CA GLU A 295 13.87 30.05 -20.15
C GLU A 295 13.03 28.82 -19.87
N ASP A 296 13.57 27.89 -19.09
CA ASP A 296 12.85 26.65 -18.85
C ASP A 296 11.68 26.94 -17.91
N ASP A 297 11.85 27.92 -17.02
CA ASP A 297 10.81 28.28 -16.07
C ASP A 297 9.69 28.98 -16.81
N ILE A 298 10.05 29.68 -17.89
CA ILE A 298 9.06 30.37 -18.70
C ILE A 298 8.26 29.33 -19.46
N LYS A 299 8.96 28.33 -20.00
CA LYS A 299 8.27 27.28 -20.72
C LYS A 299 7.37 26.53 -19.75
N LYS A 300 7.82 26.35 -18.52
CA LYS A 300 7.04 25.64 -17.51
C LYS A 300 5.78 26.44 -17.20
N LEU A 301 5.93 27.76 -17.05
CA LEU A 301 4.78 28.63 -16.80
C LEU A 301 3.78 28.51 -17.95
N LEU A 302 4.26 28.69 -19.18
CA LEU A 302 3.37 28.77 -20.34
C LEU A 302 2.74 27.41 -20.61
N GLY A 303 3.40 26.34 -20.21
CA GLY A 303 2.83 25.01 -20.38
C GLY A 303 1.57 24.82 -19.59
N ARG A 304 1.27 25.75 -18.68
CA ARG A 304 0.05 25.70 -17.90
C ARG A 304 -1.07 26.46 -18.57
N TYR A 305 -0.77 27.16 -19.68
CA TYR A 305 -1.75 27.97 -20.38
C TYR A 305 -1.97 27.48 -21.81
N GLY A 306 -1.62 26.22 -22.09
CA GLY A 306 -1.81 25.61 -23.38
C GLY A 306 -0.66 25.67 -24.36
N TYR A 307 0.47 26.28 -23.99
CA TYR A 307 1.58 26.40 -24.93
C TYR A 307 2.46 25.17 -24.72
N ALA A 308 2.23 24.13 -25.53
CA ALA A 308 2.98 22.91 -25.34
C ALA A 308 4.45 23.08 -25.69
N TYR A 309 4.75 23.87 -26.71
CA TYR A 309 6.13 23.97 -27.22
C TYR A 309 6.55 25.41 -27.49
N PRO A 310 6.64 26.24 -26.45
CA PRO A 310 7.14 27.60 -26.65
C PRO A 310 8.64 27.51 -26.87
N ARG A 311 9.20 28.50 -27.58
CA ARG A 311 10.65 28.55 -27.70
C ARG A 311 11.18 29.94 -27.36
N VAL A 312 12.21 29.98 -26.52
CA VAL A 312 12.80 31.21 -26.03
C VAL A 312 14.27 31.23 -26.39
N GLN A 313 14.71 32.32 -27.01
CA GLN A 313 16.12 32.56 -27.31
C GLN A 313 16.56 33.80 -26.56
N SER A 314 17.86 33.92 -26.31
CA SER A 314 18.33 35.07 -25.55
C SER A 314 19.69 35.53 -26.05
N MET A 315 19.95 36.81 -25.79
CA MET A 315 21.19 37.47 -26.12
C MET A 315 21.76 38.09 -24.85
N LEU A 327 20.59 41.93 -21.23
CA LEU A 327 19.99 40.69 -21.71
C LEU A 327 18.72 40.97 -22.50
N ARG A 328 18.58 40.32 -23.65
CA ARG A 328 17.35 40.35 -24.43
C ARG A 328 16.80 38.93 -24.52
N VAL A 329 15.50 38.76 -24.30
CA VAL A 329 14.86 37.46 -24.42
C VAL A 329 13.73 37.54 -25.45
N ASN A 330 13.81 36.68 -26.47
CA ASN A 330 12.86 36.63 -27.57
C ASN A 330 12.01 35.38 -27.35
N VAL A 331 10.75 35.57 -26.95
CA VAL A 331 9.86 34.46 -26.61
C VAL A 331 8.88 34.26 -27.76
N ASP A 332 8.81 33.04 -28.29
CA ASP A 332 7.82 32.64 -29.28
C ASP A 332 6.88 31.70 -28.54
N ALA A 333 5.80 32.25 -28.00
CA ALA A 333 4.93 31.45 -27.15
C ALA A 333 4.30 30.29 -27.91
N GLY A 334 4.03 30.48 -29.19
CA GLY A 334 3.38 29.43 -29.95
C GLY A 334 1.87 29.49 -29.78
N ASN A 335 1.22 28.40 -30.16
CA ASN A 335 -0.22 28.27 -30.11
C ASN A 335 -0.63 27.57 -28.81
N ARG A 336 -1.93 27.44 -28.61
CA ARG A 336 -2.48 26.68 -27.49
C ARG A 336 -2.80 25.29 -28.02
N PHE A 337 -2.54 24.27 -27.21
CA PHE A 337 -2.73 22.89 -27.63
C PHE A 337 -3.71 22.14 -26.76
N TYR A 338 -4.43 21.20 -27.38
CA TYR A 338 -5.46 20.41 -26.73
C TYR A 338 -5.17 18.92 -26.89
N VAL A 339 -5.60 18.15 -25.89
CA VAL A 339 -5.39 16.71 -25.84
C VAL A 339 -6.64 16.04 -26.39
N ARG A 340 -6.48 15.23 -27.44
CA ARG A 340 -7.64 14.56 -28.02
C ARG A 340 -8.04 13.29 -27.26
N LYS A 341 -7.08 12.41 -26.98
CA LYS A 341 -7.39 11.19 -26.24
C LYS A 341 -6.27 10.87 -25.26
N ILE A 342 -6.64 10.20 -24.17
CA ILE A 342 -5.70 9.64 -23.21
C ILE A 342 -5.93 8.14 -23.10
N ARG A 343 -4.90 7.36 -23.37
CA ARG A 343 -5.01 5.90 -23.38
C ARG A 343 -3.82 5.36 -22.61
N PHE A 344 -3.97 4.16 -22.06
CA PHE A 344 -2.88 3.51 -21.35
C PHE A 344 -2.39 2.29 -22.12
N GLU A 345 -1.09 2.01 -22.02
CA GLU A 345 -0.52 0.79 -22.54
C GLU A 345 -0.03 -0.09 -21.40
N GLY A 346 -0.11 -1.40 -21.61
CA GLY A 346 0.60 -2.38 -20.82
C GLY A 346 -0.17 -2.96 -19.65
N ASN A 347 -1.39 -2.48 -19.39
CA ASN A 347 -2.19 -3.02 -18.28
C ASN A 347 -3.11 -4.09 -18.82
N ASP A 348 -2.69 -5.34 -18.72
CA ASP A 348 -3.50 -6.48 -19.12
C ASP A 348 -4.18 -7.15 -17.93
N THR A 349 -4.04 -6.57 -16.74
CA THR A 349 -4.46 -7.20 -15.50
C THR A 349 -5.56 -6.45 -14.77
N SER A 350 -5.38 -5.15 -14.53
CA SER A 350 -6.32 -4.38 -13.73
C SER A 350 -7.29 -3.59 -14.60
N LYS A 351 -8.35 -3.13 -13.96
CA LYS A 351 -9.38 -2.36 -14.64
C LYS A 351 -8.84 -1.02 -15.14
N ASP A 352 -9.25 -0.66 -16.36
CA ASP A 352 -8.91 0.64 -16.93
C ASP A 352 -9.34 1.78 -16.01
N ALA A 353 -10.47 1.63 -15.33
CA ALA A 353 -10.96 2.72 -14.48
C ALA A 353 -9.96 3.10 -13.41
N VAL A 354 -9.09 2.18 -13.00
CA VAL A 354 -8.19 2.47 -11.88
C VAL A 354 -7.13 3.47 -12.28
N LEU A 355 -6.50 3.28 -13.43
CA LEU A 355 -5.43 4.18 -13.84
C LEU A 355 -5.93 5.59 -14.08
N ARG A 356 -7.15 5.74 -14.59
CA ARG A 356 -7.65 7.06 -14.91
C ARG A 356 -7.97 7.84 -13.64
N ARG A 357 -7.97 7.16 -12.50
CA ARG A 357 -8.36 7.78 -11.23
C ARG A 357 -7.43 8.92 -10.82
N GLU A 358 -6.15 8.87 -11.20
CA GLU A 358 -5.21 9.88 -10.72
C GLU A 358 -4.76 10.86 -11.79
N MET A 359 -5.52 11.01 -12.87
CA MET A 359 -5.16 11.99 -13.86
C MET A 359 -5.72 13.35 -13.46
N ARG A 360 -4.98 14.41 -13.77
CA ARG A 360 -5.50 15.76 -13.60
C ARG A 360 -5.68 16.46 -14.92
N GLN A 361 -5.00 16.01 -15.96
CA GLN A 361 -5.20 16.56 -17.29
C GLN A 361 -6.45 15.88 -17.82
N MET A 362 -7.43 16.67 -18.23
CA MET A 362 -8.68 16.12 -18.73
C MET A 362 -8.67 16.08 -20.25
N GLU A 363 -9.40 15.10 -20.79
CA GLU A 363 -9.58 15.04 -22.22
C GLU A 363 -10.48 16.18 -22.66
N GLY A 364 -10.22 16.70 -23.85
CA GLY A 364 -11.06 17.73 -24.39
C GLY A 364 -10.86 19.01 -23.62
N ALA A 365 -9.62 19.24 -23.18
CA ALA A 365 -9.24 20.39 -22.39
C ALA A 365 -7.83 20.77 -22.78
N TRP A 366 -7.42 21.99 -22.43
CA TRP A 366 -6.07 22.42 -22.74
C TRP A 366 -5.06 21.61 -21.94
N LEU A 367 -3.90 21.41 -22.52
CA LEU A 367 -2.81 20.70 -21.85
C LEU A 367 -2.17 21.54 -20.75
N GLY A 368 -1.89 20.89 -19.63
CA GLY A 368 -1.04 21.47 -18.60
C GLY A 368 -0.05 20.45 -18.08
N SER A 369 1.25 20.63 -18.33
CA SER A 369 2.21 19.58 -18.04
C SER A 369 2.21 19.19 -16.56
N ASP A 370 1.93 20.14 -15.67
CA ASP A 370 1.94 19.77 -14.26
C ASP A 370 0.81 18.81 -13.95
N LEU A 371 -0.27 18.85 -14.71
CA LEU A 371 -1.42 17.99 -14.45
C LEU A 371 -1.10 16.55 -14.83
N VAL A 372 -0.09 16.37 -15.68
CA VAL A 372 0.34 15.06 -16.15
C VAL A 372 1.45 14.53 -15.24
N ASP A 373 2.38 15.40 -14.84
CA ASP A 373 3.42 14.96 -13.92
C ASP A 373 2.82 14.63 -12.55
N GLN A 374 1.81 15.38 -12.11
CA GLN A 374 1.15 15.04 -10.86
C GLN A 374 0.46 13.70 -10.96
N GLY A 375 -0.14 13.40 -12.11
CA GLY A 375 -0.75 12.10 -12.30
C GLY A 375 0.27 10.98 -12.21
N LYS A 376 1.40 11.16 -12.90
CA LYS A 376 2.45 10.15 -12.83
C LYS A 376 2.91 9.95 -11.40
N GLU A 377 3.09 11.05 -10.67
CA GLU A 377 3.58 10.95 -9.31
C GLU A 377 2.56 10.26 -8.41
N ARG A 378 1.28 10.57 -8.58
CA ARG A 378 0.27 9.90 -7.77
C ARG A 378 0.23 8.40 -8.05
N LEU A 379 0.41 8.02 -9.31
CA LEU A 379 0.50 6.59 -9.62
C LEU A 379 1.73 5.99 -8.96
N ASN A 380 2.85 6.71 -8.98
CA ASN A 380 4.05 6.20 -8.32
C ASN A 380 3.83 6.08 -6.83
N ARG A 381 3.01 6.98 -6.27
CA ARG A 381 2.73 6.98 -4.84
C ARG A 381 1.91 5.74 -4.47
N LEU A 382 0.92 5.40 -5.29
CA LEU A 382 0.08 4.26 -4.95
C LEU A 382 0.86 2.96 -5.09
N GLY A 383 1.68 2.85 -6.13
CA GLY A 383 2.60 1.73 -6.26
C GLY A 383 2.04 0.51 -6.95
N PHE A 384 0.93 0.65 -7.68
CA PHE A 384 0.31 -0.48 -8.36
C PHE A 384 1.01 -0.73 -9.70
N PHE A 385 2.28 -1.08 -9.65
CA PHE A 385 3.03 -1.27 -10.89
C PHE A 385 4.37 -1.92 -10.62
N GLU A 386 5.00 -2.33 -11.72
CA GLU A 386 6.42 -2.64 -11.82
C GLU A 386 7.20 -1.47 -12.41
N THR A 387 6.69 -0.86 -13.49
CA THR A 387 7.29 0.33 -14.06
C THR A 387 6.19 1.30 -14.47
N VAL A 388 6.57 2.59 -14.55
CA VAL A 388 5.72 3.64 -15.08
C VAL A 388 6.55 4.53 -16.00
N ASP A 389 5.97 4.91 -17.13
CA ASP A 389 6.58 5.93 -17.99
C ASP A 389 5.47 6.72 -18.68
N THR A 390 5.85 7.91 -19.16
CA THR A 390 4.93 8.82 -19.81
C THR A 390 5.61 9.41 -21.04
N ASP A 391 4.79 9.87 -21.99
CA ASP A 391 5.29 10.64 -23.12
C ASP A 391 4.22 11.64 -23.58
N THR A 392 4.59 12.45 -24.56
CA THR A 392 3.69 13.40 -25.20
C THR A 392 3.80 13.13 -26.69
N GLN A 393 2.67 12.98 -27.38
CA GLN A 393 2.66 12.72 -28.80
C GLN A 393 1.94 13.80 -29.60
N ARG A 394 2.40 13.97 -30.84
CA ARG A 394 1.81 14.89 -31.79
C ARG A 394 0.72 14.13 -32.56
N VAL A 395 -0.33 14.84 -32.94
CA VAL A 395 -1.41 14.26 -33.74
C VAL A 395 -1.10 14.56 -35.20
N PRO A 396 -0.86 13.55 -36.04
CA PRO A 396 -0.49 13.84 -37.43
C PRO A 396 -1.54 14.62 -38.20
N GLY A 397 -2.80 14.59 -37.77
CA GLY A 397 -3.84 15.28 -38.50
C GLY A 397 -3.87 16.78 -38.29
N SER A 398 -3.15 17.28 -37.30
CA SER A 398 -3.14 18.73 -37.06
C SER A 398 -1.98 19.09 -36.13
N PRO A 399 -1.18 20.10 -36.49
CA PRO A 399 -0.01 20.43 -35.66
C PRO A 399 -0.34 20.88 -34.25
N ASP A 400 -1.53 21.42 -34.03
CA ASP A 400 -1.92 21.92 -32.72
C ASP A 400 -2.65 20.90 -31.83
N GLN A 401 -2.74 19.64 -32.25
CA GLN A 401 -3.40 18.60 -31.47
C GLN A 401 -2.34 17.64 -30.94
N VAL A 402 -2.47 17.26 -29.67
CA VAL A 402 -1.55 16.29 -29.08
C VAL A 402 -2.32 15.21 -28.33
N ASP A 403 -1.62 14.11 -28.05
CA ASP A 403 -2.08 13.03 -27.19
C ASP A 403 -1.11 12.85 -26.01
N VAL A 404 -1.63 12.27 -24.93
CA VAL A 404 -0.85 11.95 -23.74
C VAL A 404 -0.90 10.44 -23.57
N VAL A 405 0.27 9.81 -23.48
CA VAL A 405 0.37 8.36 -23.40
C VAL A 405 1.12 7.94 -22.14
N TYR A 406 0.48 7.07 -21.36
CA TYR A 406 1.07 6.44 -20.20
C TYR A 406 1.33 4.96 -20.51
N LYS A 407 2.43 4.43 -19.96
CA LYS A 407 2.78 3.03 -20.14
C LYS A 407 3.16 2.46 -18.78
N VAL A 408 2.62 1.28 -18.43
CA VAL A 408 2.93 0.66 -17.16
C VAL A 408 3.33 -0.80 -17.34
N LYS A 409 4.02 -1.30 -16.32
CA LYS A 409 4.29 -2.71 -16.09
C LYS A 409 3.88 -2.98 -14.65
N GLU A 410 3.33 -4.17 -14.38
CA GLU A 410 2.83 -4.45 -13.03
C GLU A 410 3.52 -5.66 -12.41
N ARG A 411 3.51 -5.68 -11.08
CA ARG A 411 4.07 -6.74 -10.26
C ARG A 411 2.98 -7.38 -9.42
N ASN A 412 3.37 -8.29 -8.54
CA ASN A 412 2.40 -9.00 -7.70
C ASN A 412 1.59 -8.06 -6.81
N THR A 413 0.30 -8.37 -6.69
CA THR A 413 -0.68 -7.64 -5.91
C THR A 413 -0.63 -7.98 -4.42
N GLY A 414 0.07 -9.03 -4.04
CA GLY A 414 0.08 -9.51 -2.68
C GLY A 414 0.32 -11.01 -2.69
N CYS A 415 0.43 -11.57 -1.49
CA CYS A 415 0.81 -12.98 -1.38
C CYS A 415 -0.08 -13.79 -0.45
N PHE A 416 0.02 -15.10 -0.64
CA PHE A 416 -0.57 -16.14 0.19
C PHE A 416 0.53 -16.79 1.00
N ASN A 417 0.43 -16.70 2.33
CA ASN A 417 1.41 -17.26 3.25
C ASN A 417 0.77 -18.43 3.98
N PHE A 418 1.37 -19.61 3.86
CA PHE A 418 0.84 -20.85 4.43
C PHE A 418 1.95 -21.58 5.17
N GLY A 419 1.66 -22.05 6.38
CA GLY A 419 2.60 -22.94 7.04
C GLY A 419 2.07 -23.68 8.25
N ILE A 420 2.55 -24.91 8.41
CA ILE A 420 2.14 -25.82 9.48
C ILE A 420 3.40 -26.41 10.09
N GLY A 421 3.37 -26.67 11.39
CA GLY A 421 4.50 -27.32 12.03
C GLY A 421 4.07 -28.18 13.19
N TYR A 422 4.89 -29.20 13.49
CA TYR A 422 4.64 -30.10 14.61
C TYR A 422 4.81 -29.39 15.94
N VAL A 428 1.73 -29.21 17.56
CA VAL A 428 1.14 -29.08 16.23
C VAL A 428 0.34 -27.78 16.15
N SER A 429 0.74 -26.90 15.23
CA SER A 429 0.11 -25.60 15.06
C SER A 429 0.13 -25.27 13.57
N PHE A 430 -0.76 -24.36 13.17
CA PHE A 430 -0.87 -23.99 11.77
C PHE A 430 -1.31 -22.54 11.64
N GLN A 431 -0.73 -21.83 10.67
CA GLN A 431 -1.14 -20.47 10.38
C GLN A 431 -1.14 -20.28 8.87
N ALA A 432 -2.15 -19.58 8.36
CA ALA A 432 -2.11 -19.17 6.97
C ALA A 432 -2.98 -17.94 6.79
N GLY A 433 -2.72 -17.23 5.71
CA GLY A 433 -3.54 -16.10 5.33
C GLY A 433 -3.20 -15.66 3.93
N VAL A 434 -4.06 -14.81 3.40
CA VAL A 434 -3.97 -14.34 2.03
C VAL A 434 -4.15 -12.82 2.10
N GLN A 435 -3.31 -12.09 1.39
CA GLN A 435 -3.52 -10.66 1.32
C GLN A 435 -3.18 -10.15 -0.06
N GLN A 436 -4.01 -9.23 -0.54
CA GLN A 436 -3.74 -8.51 -1.77
C GLN A 436 -4.07 -7.04 -1.56
N ASP A 437 -3.24 -6.18 -2.17
CA ASP A 437 -3.47 -4.74 -2.12
C ASP A 437 -4.52 -4.34 -3.12
N ASN A 438 -4.66 -5.12 -4.19
CA ASN A 438 -5.56 -4.82 -5.31
C ASN A 438 -6.12 -6.17 -5.79
N TRP A 439 -7.30 -6.50 -5.28
CA TRP A 439 -7.91 -7.80 -5.52
C TRP A 439 -8.13 -7.99 -7.01
N LEU A 440 -7.40 -8.94 -7.61
CA LEU A 440 -7.58 -9.29 -9.01
C LEU A 440 -7.48 -8.05 -9.89
N GLY A 441 -6.76 -7.03 -9.41
CA GLY A 441 -6.65 -5.80 -10.16
C GLY A 441 -7.92 -4.98 -10.16
N THR A 442 -8.82 -5.20 -9.21
CA THR A 442 -10.11 -4.55 -9.21
C THR A 442 -10.21 -3.35 -8.28
N GLY A 443 -9.15 -2.98 -7.57
CA GLY A 443 -9.22 -1.84 -6.68
C GLY A 443 -9.47 -2.12 -5.21
N TYR A 444 -9.69 -3.36 -4.80
CA TYR A 444 -9.97 -3.63 -3.39
C TYR A 444 -8.78 -4.21 -2.65
N ALA A 445 -8.66 -3.82 -1.38
CA ALA A 445 -7.65 -4.35 -0.46
C ALA A 445 -8.27 -5.43 0.43
N VAL A 446 -7.74 -6.64 0.36
CA VAL A 446 -8.31 -7.79 1.07
C VAL A 446 -7.24 -8.50 1.87
N GLY A 447 -7.52 -8.75 3.15
CA GLY A 447 -6.64 -9.50 4.02
C GLY A 447 -7.35 -10.54 4.87
N ILE A 448 -6.87 -11.79 4.79
CA ILE A 448 -7.42 -12.94 5.48
C ILE A 448 -6.33 -13.51 6.36
N ASN A 449 -6.61 -13.65 7.66
CA ASN A 449 -5.67 -14.20 8.62
C ASN A 449 -6.39 -15.31 9.40
N GLY A 450 -5.89 -16.53 9.29
CA GLY A 450 -6.40 -17.69 10.00
C GLY A 450 -5.32 -18.43 10.77
N THR A 451 -5.30 -18.34 12.10
CA THR A 451 -4.26 -18.97 12.91
C THR A 451 -4.91 -19.96 13.87
N LYS A 452 -4.40 -21.19 13.85
CA LYS A 452 -4.93 -22.30 14.62
C LYS A 452 -3.83 -22.83 15.52
N ASN A 453 -4.13 -22.93 16.81
CA ASN A 453 -3.19 -23.45 17.79
C ASN A 453 -3.98 -24.00 18.96
N ASP A 454 -3.26 -24.53 19.94
CA ASP A 454 -3.90 -25.08 21.13
C ASP A 454 -4.18 -23.99 22.14
N TYR A 455 -3.16 -23.21 22.49
CA TYR A 455 -3.32 -22.17 23.50
C TYR A 455 -4.10 -20.98 22.98
N GLN A 456 -4.08 -20.74 21.67
CA GLN A 456 -4.79 -19.60 21.11
C GLN A 456 -5.11 -19.84 19.64
N THR A 457 -6.35 -19.56 19.27
CA THR A 457 -6.82 -19.59 17.90
C THR A 457 -7.49 -18.25 17.59
N TYR A 458 -7.24 -17.72 16.40
CA TYR A 458 -7.83 -16.44 16.05
C TYR A 458 -7.93 -16.30 14.55
N ALA A 459 -8.73 -15.33 14.12
CA ALA A 459 -8.89 -15.03 12.71
C ALA A 459 -9.29 -13.57 12.54
N GLU A 460 -8.96 -13.02 11.38
CA GLU A 460 -9.34 -11.67 11.00
C GLU A 460 -9.60 -11.63 9.50
N LEU A 461 -10.64 -10.90 9.11
CA LEU A 461 -10.92 -10.62 7.71
C LEU A 461 -11.12 -9.12 7.56
N SER A 462 -10.33 -8.49 6.69
CA SER A 462 -10.38 -7.05 6.49
C SER A 462 -10.51 -6.78 5.00
N VAL A 463 -11.55 -6.04 4.62
CA VAL A 463 -11.80 -5.70 3.22
C VAL A 463 -12.08 -4.21 3.14
N THR A 464 -11.40 -3.52 2.22
CA THR A 464 -11.61 -2.09 2.02
C THR A 464 -11.72 -1.78 0.53
N ASN A 465 -12.71 -0.93 0.20
CA ASN A 465 -12.89 -0.33 -1.12
C ASN A 465 -12.42 1.11 -1.07
N PRO A 466 -11.27 1.47 -1.66
CA PRO A 466 -10.81 2.86 -1.54
C PRO A 466 -11.67 3.82 -2.33
N TYR A 467 -12.52 3.33 -3.23
CA TYR A 467 -13.35 4.17 -4.08
C TYR A 467 -14.79 3.68 -4.04
N PHE A 468 -15.44 3.99 -2.92
CA PHE A 468 -16.85 3.63 -2.79
C PHE A 468 -17.63 4.54 -3.72
N THR A 469 -17.25 5.81 -3.74
CA THR A 469 -17.83 6.84 -4.57
C THR A 469 -16.78 7.28 -5.59
N VAL A 470 -17.25 7.98 -6.62
CA VAL A 470 -16.39 8.53 -7.67
C VAL A 470 -15.37 9.53 -7.17
N ASP A 471 -15.63 10.19 -6.04
CA ASP A 471 -14.67 11.18 -5.56
C ASP A 471 -13.52 10.62 -4.74
N GLY A 472 -13.40 9.30 -4.59
CA GLY A 472 -12.30 8.74 -3.83
C GLY A 472 -12.55 8.52 -2.37
N VAL A 473 -13.81 8.49 -1.94
CA VAL A 473 -14.11 8.19 -0.55
C VAL A 473 -13.92 6.70 -0.32
N SER A 474 -13.21 6.35 0.74
CA SER A 474 -12.86 4.97 1.02
C SER A 474 -13.75 4.46 2.13
N LEU A 475 -14.06 3.17 2.05
CA LEU A 475 -14.87 2.53 3.07
C LEU A 475 -14.45 1.07 3.21
N GLY A 476 -14.25 0.63 4.44
CA GLY A 476 -13.93 -0.77 4.63
C GLY A 476 -14.01 -1.11 6.10
N GLY A 477 -13.68 -2.35 6.39
CA GLY A 477 -13.78 -2.81 7.77
C GLY A 477 -13.33 -4.24 7.89
N ARG A 478 -13.34 -4.72 9.13
CA ARG A 478 -12.88 -6.05 9.42
C ARG A 478 -13.76 -6.73 10.46
N LEU A 479 -13.72 -8.06 10.39
CA LEU A 479 -14.32 -8.96 11.36
C LEU A 479 -13.17 -9.69 12.03
N PHE A 480 -13.32 -10.04 13.30
CA PHE A 480 -12.26 -10.80 13.95
C PHE A 480 -12.81 -11.70 15.02
N TYR A 481 -11.98 -12.69 15.36
CA TYR A 481 -12.17 -13.61 16.47
C TYR A 481 -10.80 -13.77 17.10
N ASN A 482 -10.77 -13.92 18.42
CA ASN A 482 -9.53 -14.26 19.11
C ASN A 482 -9.87 -15.01 20.39
N ASP A 483 -8.83 -15.43 21.10
CA ASP A 483 -9.00 -16.07 22.40
C ASP A 483 -7.65 -16.13 23.10
N PHE A 484 -7.65 -16.76 24.26
CA PHE A 484 -6.44 -16.99 25.04
C PHE A 484 -6.67 -18.18 25.95
N GLN A 485 -5.73 -19.12 26.00
CA GLN A 485 -5.79 -20.22 26.95
C GLN A 485 -4.67 -20.06 27.98
N ALA A 486 -4.97 -20.48 29.21
CA ALA A 486 -4.03 -20.39 30.31
C ALA A 486 -2.84 -21.31 30.09
N TYR A 494 -4.48 -17.38 31.99
CA TYR A 494 -5.92 -17.20 32.09
C TYR A 494 -6.55 -17.63 30.78
N THR A 495 -7.86 -17.54 30.68
CA THR A 495 -8.54 -17.80 29.42
C THR A 495 -9.39 -16.60 29.03
N ASN A 496 -9.63 -16.50 27.73
CA ASN A 496 -10.44 -15.45 27.14
C ASN A 496 -11.03 -15.94 25.84
N LYS A 497 -12.19 -15.41 25.50
CA LYS A 497 -12.80 -15.58 24.19
C LYS A 497 -13.25 -14.20 23.74
N SER A 498 -13.00 -13.86 22.48
CA SER A 498 -13.46 -12.57 22.00
C SER A 498 -13.73 -12.65 20.50
N TYR A 499 -14.51 -11.68 20.04
CA TYR A 499 -14.77 -11.52 18.61
C TYR A 499 -15.43 -10.16 18.42
N GLY A 500 -15.48 -9.71 17.17
CA GLY A 500 -16.19 -8.46 16.91
C GLY A 500 -16.04 -8.02 15.47
N THR A 501 -16.38 -6.74 15.26
CA THR A 501 -16.43 -6.15 13.93
C THR A 501 -16.18 -4.65 14.04
N ASP A 502 -15.63 -4.08 12.98
CA ASP A 502 -15.48 -2.63 12.92
C ASP A 502 -15.50 -2.19 11.46
N VAL A 503 -16.33 -1.19 11.14
CA VAL A 503 -16.41 -0.64 9.79
C VAL A 503 -16.14 0.86 9.87
N THR A 504 -15.15 1.31 9.09
CA THR A 504 -14.68 2.68 9.07
C THR A 504 -14.79 3.29 7.69
N LEU A 505 -15.32 4.51 7.64
CA LEU A 505 -15.44 5.33 6.45
C LEU A 505 -14.42 6.45 6.56
N GLY A 506 -13.75 6.79 5.46
CA GLY A 506 -12.86 7.93 5.47
C GLY A 506 -12.73 8.59 4.12
N PHE A 507 -12.26 9.84 4.15
CA PHE A 507 -12.16 10.62 2.93
C PHE A 507 -11.09 11.70 3.02
N PRO A 508 -10.50 12.09 1.89
CA PRO A 508 -9.52 13.18 1.88
C PRO A 508 -10.21 14.53 2.09
N ILE A 509 -9.50 15.43 2.77
CA ILE A 509 -9.97 16.80 2.93
C ILE A 509 -9.14 17.78 2.11
N ASN A 510 -7.94 17.40 1.68
CA ASN A 510 -7.10 18.22 0.81
C ASN A 510 -6.13 17.27 0.12
N GLU A 511 -5.07 17.82 -0.48
CA GLU A 511 -4.23 17.03 -1.37
C GLU A 511 -3.65 15.80 -0.67
N TYR A 512 -3.16 15.95 0.56
CA TYR A 512 -2.43 14.88 1.21
C TYR A 512 -2.95 14.45 2.57
N ASN A 513 -3.85 15.20 3.20
CA ASN A 513 -4.41 14.77 4.48
C ASN A 513 -5.78 14.14 4.32
N SER A 514 -6.14 13.30 5.29
CA SER A 514 -7.42 12.60 5.23
C SER A 514 -7.95 12.36 6.64
N LEU A 515 -9.28 12.19 6.71
CA LEU A 515 -9.99 11.93 7.95
C LEU A 515 -10.69 10.58 7.87
N ARG A 516 -10.73 9.83 8.96
CA ARG A 516 -11.45 8.56 8.98
C ARG A 516 -12.15 8.40 10.32
N ALA A 517 -13.29 7.70 10.29
CA ALA A 517 -13.99 7.30 11.51
C ALA A 517 -15.05 6.26 11.17
N GLY A 518 -15.47 5.51 12.18
CA GLY A 518 -16.49 4.51 11.97
C GLY A 518 -16.91 3.86 13.28
N LEU A 519 -17.69 2.79 13.15
CA LEU A 519 -18.32 2.14 14.29
C LEU A 519 -18.04 0.65 14.32
N GLY A 520 -18.04 0.09 15.53
CA GLY A 520 -17.90 -1.35 15.65
C GLY A 520 -18.10 -1.76 17.09
N TYR A 521 -17.93 -3.06 17.34
CA TYR A 521 -18.07 -3.55 18.70
C TYR A 521 -17.27 -4.83 18.85
N VAL A 522 -16.99 -5.19 20.10
CA VAL A 522 -16.34 -6.44 20.44
C VAL A 522 -17.02 -7.11 21.63
N HIS A 523 -17.20 -8.41 21.54
CA HIS A 523 -17.61 -9.25 22.67
C HIS A 523 -16.32 -9.80 23.25
N ASN A 524 -16.17 -9.71 24.57
CA ASN A 524 -14.98 -10.22 25.25
C ASN A 524 -15.35 -10.82 26.59
N SER A 525 -15.14 -12.14 26.71
CA SER A 525 -15.41 -12.90 27.93
C SER A 525 -14.08 -13.38 28.49
N LEU A 526 -13.73 -12.89 29.68
CA LEU A 526 -12.47 -13.14 30.34
C LEU A 526 -12.72 -14.01 31.56
N SER A 527 -11.93 -15.06 31.73
CA SER A 527 -12.14 -15.95 32.87
C SER A 527 -10.82 -16.62 33.25
N ASN A 528 -10.85 -17.29 34.40
CA ASN A 528 -9.75 -18.10 34.89
C ASN A 528 -8.47 -17.27 34.99
N MET A 529 -8.60 -16.00 35.34
CA MET A 529 -7.47 -15.09 35.45
C MET A 529 -7.19 -14.84 36.92
N GLN A 530 -5.92 -14.78 37.28
CA GLN A 530 -5.56 -14.51 38.67
C GLN A 530 -5.98 -13.14 39.18
N PRO A 531 -6.90 -13.08 40.14
CA PRO A 531 -7.35 -11.80 40.69
C PRO A 531 -6.19 -11.02 41.28
N GLN A 532 -6.17 -9.70 41.04
CA GLN A 532 -5.03 -8.88 41.43
C GLN A 532 -5.53 -7.45 41.65
N VAL A 533 -4.65 -6.63 42.24
CA VAL A 533 -5.03 -5.27 42.61
C VAL A 533 -5.46 -4.45 41.41
N ALA A 534 -4.75 -4.53 40.29
CA ALA A 534 -5.22 -3.84 39.10
C ALA A 534 -6.59 -4.36 38.70
N MET A 535 -6.78 -5.66 38.82
CA MET A 535 -8.04 -6.28 38.47
C MET A 535 -9.06 -6.08 39.58
N TRP A 536 -8.62 -6.10 40.83
CA TRP A 536 -9.57 -5.87 41.91
C TRP A 536 -10.15 -4.47 41.83
N ARG A 537 -9.31 -3.48 41.55
CA ARG A 537 -9.81 -2.11 41.39
C ARG A 537 -10.75 -2.00 40.20
N TYR A 538 -10.35 -2.55 39.05
CA TYR A 538 -11.20 -2.47 37.87
C TYR A 538 -12.55 -3.14 38.09
N LEU A 539 -12.55 -4.38 38.58
CA LEU A 539 -13.80 -5.10 38.71
C LEU A 539 -14.65 -4.53 39.84
N TYR A 540 -14.03 -4.20 40.98
CA TYR A 540 -14.78 -3.76 42.14
C TYR A 540 -15.48 -2.45 41.82
N SER A 541 -14.81 -1.55 41.09
CA SER A 541 -15.43 -0.28 40.76
C SER A 541 -16.71 -0.47 39.94
N MET A 542 -16.83 -1.59 39.25
CA MET A 542 -18.00 -1.91 38.44
C MET A 542 -19.05 -2.69 39.21
N GLY A 543 -18.77 -3.02 40.47
CA GLY A 543 -19.61 -3.89 41.26
C GLY A 543 -19.21 -5.35 41.21
N GLU A 544 -18.20 -5.70 40.44
CA GLU A 544 -17.78 -7.09 40.31
C GLU A 544 -16.79 -7.37 41.45
N HIS A 545 -17.13 -8.33 42.30
CA HIS A 545 -16.33 -8.62 43.50
C HIS A 545 -16.02 -10.11 43.60
N PRO A 546 -15.09 -10.60 42.79
CA PRO A 546 -14.69 -12.01 42.89
C PRO A 546 -13.94 -12.24 44.20
N SER A 547 -13.99 -13.49 44.66
CA SER A 547 -13.31 -13.83 45.90
C SER A 547 -11.80 -13.68 45.74
N THR A 548 -11.15 -13.26 46.83
CA THR A 548 -9.70 -13.08 46.81
C THR A 548 -9.00 -14.38 46.43
N SER A 549 -8.08 -14.27 45.47
CA SER A 549 -7.29 -15.38 44.95
C SER A 549 -8.15 -16.45 44.29
N ASP A 550 -9.42 -16.15 44.03
CA ASP A 550 -10.31 -17.08 43.33
C ASP A 550 -10.13 -16.91 41.84
N GLN A 551 -9.25 -17.72 41.26
CA GLN A 551 -8.91 -17.56 39.85
C GLN A 551 -10.01 -18.10 38.94
N ASP A 552 -10.76 -19.10 39.40
CA ASP A 552 -11.86 -19.68 38.62
C ASP A 552 -13.06 -18.75 38.64
N ASN A 553 -12.97 -17.70 37.83
CA ASN A 553 -13.92 -16.59 37.85
C ASN A 553 -14.20 -16.22 36.40
N SER A 554 -15.18 -15.34 36.18
CA SER A 554 -15.39 -14.83 34.83
C SER A 554 -16.12 -13.50 34.84
N PHE A 555 -15.93 -12.77 33.75
CA PHE A 555 -16.64 -11.53 33.45
C PHE A 555 -16.62 -11.31 31.95
N LYS A 556 -17.78 -11.06 31.35
CA LYS A 556 -17.84 -10.86 29.91
C LYS A 556 -18.72 -9.67 29.59
N THR A 557 -18.36 -8.95 28.53
CA THR A 557 -19.11 -7.79 28.08
C THR A 557 -19.24 -7.76 26.56
N ASP A 558 -20.28 -7.08 26.09
CA ASP A 558 -20.44 -6.69 24.70
C ASP A 558 -20.26 -5.19 24.64
N ASP A 559 -19.12 -4.74 24.16
CA ASP A 559 -18.71 -3.34 24.20
C ASP A 559 -18.73 -2.73 22.80
N PHE A 560 -19.53 -1.69 22.61
CA PHE A 560 -19.73 -1.07 21.30
C PHE A 560 -19.05 0.28 21.33
N THR A 561 -18.24 0.57 20.31
CA THR A 561 -17.46 1.79 20.30
C THR A 561 -17.52 2.48 18.94
N PHE A 562 -17.10 3.74 18.99
CA PHE A 562 -16.83 4.60 17.85
C PHE A 562 -15.34 4.89 17.77
N ASN A 563 -14.74 4.62 16.61
CA ASN A 563 -13.31 4.77 16.36
C ASN A 563 -13.11 5.92 15.39
N TYR A 564 -12.05 6.70 15.58
CA TYR A 564 -11.79 7.84 14.70
C TYR A 564 -10.30 8.15 14.65
N GLY A 565 -9.91 8.89 13.61
CA GLY A 565 -8.57 9.43 13.52
C GLY A 565 -8.40 10.29 12.28
N TRP A 566 -7.23 10.93 12.21
CA TRP A 566 -6.88 11.85 11.15
C TRP A 566 -5.38 11.80 10.90
N THR A 567 -4.97 11.91 9.62
CA THR A 567 -3.54 11.82 9.32
C THR A 567 -2.99 12.98 8.51
N TYR A 568 -1.81 13.45 8.94
CA TYR A 568 -0.98 14.45 8.29
C TYR A 568 0.07 13.67 7.49
N ASN A 569 0.28 14.08 6.22
CA ASN A 569 1.20 13.39 5.29
C ASN A 569 2.18 14.31 4.57
N LYS A 570 3.31 14.59 5.22
CA LYS A 570 4.40 15.39 4.67
C LYS A 570 5.40 14.34 4.19
N LEU A 571 5.47 14.12 2.89
CA LEU A 571 6.22 13.00 2.32
C LEU A 571 7.56 13.44 1.78
N ASP A 572 8.49 12.49 1.77
CA ASP A 572 9.83 12.70 1.23
C ASP A 572 10.32 11.46 0.49
N THR A 578 15.83 11.56 4.16
CA THR A 578 15.53 11.75 5.57
C THR A 578 14.88 13.11 5.81
N ASP A 579 13.64 13.25 5.32
CA ASP A 579 12.88 14.48 5.51
C ASP A 579 11.40 14.09 5.58
N GLY A 580 10.54 15.09 5.78
CA GLY A 580 9.11 14.85 5.91
C GLY A 580 8.67 14.55 7.32
N SER A 581 7.37 14.24 7.44
CA SER A 581 6.73 13.96 8.72
C SER A 581 5.39 13.27 8.50
N ARG A 582 4.97 12.54 9.53
CA ARG A 582 3.68 11.87 9.54
C ARG A 582 3.03 12.07 10.89
N VAL A 583 1.74 12.38 10.89
CA VAL A 583 0.99 12.57 12.14
C VAL A 583 -0.28 11.72 12.09
N ASN A 584 -0.43 10.80 13.04
CA ASN A 584 -1.61 9.96 13.14
C ASN A 584 -2.26 10.24 14.50
N LEU A 585 -3.43 10.86 14.49
CA LEU A 585 -4.15 11.17 15.72
C LEU A 585 -5.40 10.31 15.74
N THR A 586 -5.54 9.44 16.74
CA THR A 586 -6.64 8.49 16.76
C THR A 586 -7.25 8.41 18.14
N GLY A 587 -8.40 7.75 18.21
CA GLY A 587 -9.01 7.47 19.50
C GLY A 587 -10.34 6.76 19.30
N LYS A 588 -10.97 6.44 20.42
CA LYS A 588 -12.26 5.77 20.38
C LYS A 588 -12.98 5.98 21.69
N VAL A 589 -14.31 5.91 21.62
CA VAL A 589 -15.16 6.01 22.80
C VAL A 589 -16.25 4.95 22.76
N THR A 590 -16.79 4.63 23.93
CA THR A 590 -17.95 3.75 23.99
C THR A 590 -19.21 4.51 23.60
N ILE A 591 -20.27 3.75 23.30
CA ILE A 591 -21.59 4.30 22.98
C ILE A 591 -22.57 3.83 24.05
N PRO A 592 -23.74 4.46 24.13
CA PRO A 592 -24.69 4.08 25.19
C PRO A 592 -25.13 2.63 25.13
N GLY A 593 -24.98 1.98 23.98
CA GLY A 593 -25.38 0.59 23.84
C GLY A 593 -24.34 -0.40 24.32
N SER A 594 -23.22 0.10 24.80
CA SER A 594 -22.09 -0.71 25.24
C SER A 594 -22.28 -1.16 26.69
N ASP A 595 -21.75 -2.34 27.00
CA ASP A 595 -21.83 -2.81 28.37
C ASP A 595 -20.86 -2.02 29.26
N ASN A 596 -19.63 -1.83 28.77
CA ASN A 596 -18.65 -0.98 29.44
C ASN A 596 -18.71 0.42 28.85
N GLU A 597 -18.28 1.40 29.65
CA GLU A 597 -18.21 2.79 29.21
C GLU A 597 -16.80 3.30 29.45
N TYR A 598 -16.14 3.75 28.39
CA TYR A 598 -14.74 4.15 28.48
C TYR A 598 -14.38 5.01 27.27
N TYR A 599 -13.22 5.64 27.37
CA TYR A 599 -12.64 6.45 26.31
C TYR A 599 -11.14 6.21 26.24
N LYS A 600 -10.60 6.33 25.03
CA LYS A 600 -9.16 6.31 24.81
C LYS A 600 -8.78 7.31 23.74
N VAL A 601 -7.65 7.99 23.95
CA VAL A 601 -7.08 8.95 23.01
C VAL A 601 -5.64 8.53 22.73
N THR A 602 -5.21 8.60 21.47
CA THR A 602 -3.84 8.26 21.11
C THR A 602 -3.31 9.26 20.09
N LEU A 603 -1.97 9.32 20.05
CA LEU A 603 -1.19 10.14 19.13
C LEU A 603 0.05 9.34 18.76
N ASP A 604 0.41 9.39 17.48
CA ASP A 604 1.66 8.81 16.99
C ASP A 604 2.19 9.70 15.87
N THR A 605 3.28 10.44 16.14
CA THR A 605 3.80 11.37 15.16
C THR A 605 5.31 11.21 15.03
N ALA A 606 5.82 11.69 13.90
CA ALA A 606 7.25 11.77 13.63
C ALA A 606 7.50 12.93 12.68
N THR A 607 8.58 13.66 12.91
CA THR A 607 8.93 14.79 12.04
C THR A 607 10.43 14.85 11.83
N TYR A 608 10.83 15.03 10.58
CA TYR A 608 12.23 15.27 10.23
C TYR A 608 12.56 16.75 10.37
N VAL A 609 13.61 17.07 11.12
CA VAL A 609 14.05 18.45 11.32
C VAL A 609 15.53 18.57 10.98
N PRO A 610 15.87 19.03 9.77
CA PRO A 610 17.29 19.20 9.42
C PRO A 610 17.95 20.15 10.40
N ILE A 611 19.19 19.84 10.78
CA ILE A 611 19.96 20.69 11.69
C ILE A 611 20.99 21.52 10.94
N ASP A 612 21.80 20.86 10.12
CA ASP A 612 22.81 21.55 9.33
C ASP A 612 22.25 21.95 7.96
N ASP A 613 22.72 23.09 7.45
CA ASP A 613 22.17 23.63 6.22
C ASP A 613 22.59 22.82 5.01
N ASP A 614 23.64 22.01 5.15
CA ASP A 614 24.14 21.12 4.11
C ASP A 614 23.47 19.75 4.16
N HIS A 615 22.51 19.57 5.07
CA HIS A 615 21.76 18.32 5.23
C HIS A 615 22.67 17.16 5.59
N LYS A 616 23.81 17.44 6.23
CA LYS A 616 24.66 16.37 6.74
C LYS A 616 24.33 15.99 8.17
N TRP A 617 23.35 16.65 8.78
CA TRP A 617 22.92 16.33 10.14
C TRP A 617 21.45 16.65 10.26
N VAL A 618 20.62 15.62 10.44
CA VAL A 618 19.17 15.79 10.54
C VAL A 618 18.70 15.02 11.76
N VAL A 619 17.77 15.59 12.52
CA VAL A 619 17.20 14.88 13.65
C VAL A 619 15.75 14.55 13.33
N LEU A 620 15.38 13.28 13.52
CA LEU A 620 14.02 12.82 13.33
C LEU A 620 13.41 12.62 14.71
N GLY A 621 12.40 13.41 15.04
CA GLY A 621 11.77 13.27 16.33
C GLY A 621 10.56 12.39 16.19
N ARG A 622 10.28 11.61 17.23
CA ARG A 622 9.09 10.79 17.30
C ARG A 622 8.41 11.03 18.64
N THR A 623 7.09 11.08 18.62
CA THR A 623 6.31 11.16 19.84
C THR A 623 5.14 10.19 19.77
N ARG A 624 4.94 9.48 20.87
CA ARG A 624 3.79 8.60 21.07
C ARG A 624 3.12 9.10 22.34
N TRP A 625 1.80 9.11 22.36
CA TRP A 625 1.17 9.62 23.57
C TRP A 625 -0.26 9.14 23.62
N GLY A 626 -0.77 8.92 24.82
CA GLY A 626 -2.19 8.66 24.91
C GLY A 626 -2.57 8.11 26.27
N TYR A 627 -3.88 7.99 26.45
CA TYR A 627 -4.40 7.46 27.70
C TYR A 627 -5.87 7.15 27.50
N GLY A 628 -6.43 6.43 28.46
CA GLY A 628 -7.87 6.29 28.53
C GLY A 628 -8.29 5.74 29.87
N ASP A 629 -9.60 5.79 30.07
CA ASP A 629 -10.20 5.40 31.35
C ASP A 629 -11.67 5.12 31.11
N GLY A 630 -12.38 4.76 32.18
CA GLY A 630 -13.79 4.46 32.06
C GLY A 630 -14.64 5.70 32.28
N LEU A 631 -15.95 5.50 32.14
CA LEU A 631 -16.91 6.57 32.32
C LEU A 631 -17.88 6.20 33.44
N GLY A 632 -18.40 7.22 34.13
CA GLY A 632 -19.50 6.98 35.04
C GLY A 632 -19.08 6.20 36.26
N GLY A 633 -17.81 6.29 36.65
CA GLY A 633 -17.29 5.53 37.75
C GLY A 633 -16.56 4.27 37.33
N LYS A 634 -16.64 3.88 36.06
CA LYS A 634 -15.94 2.71 35.57
C LYS A 634 -14.48 3.04 35.26
N GLU A 635 -13.68 1.99 35.13
CA GLU A 635 -12.27 2.08 34.76
C GLU A 635 -12.08 1.43 33.39
N MET A 636 -10.87 1.53 32.87
CA MET A 636 -10.61 0.96 31.55
C MET A 636 -10.49 -0.55 31.67
N PRO A 637 -11.22 -1.33 30.85
CA PRO A 637 -11.11 -2.78 30.95
C PRO A 637 -9.69 -3.28 30.77
N PHE A 638 -9.39 -4.38 31.48
CA PHE A 638 -8.07 -4.98 31.43
C PHE A 638 -7.59 -5.19 30.00
N TYR A 639 -8.43 -5.80 29.16
CA TYR A 639 -7.98 -6.12 27.81
C TYR A 639 -7.86 -4.89 26.92
N GLU A 640 -8.32 -3.73 27.38
CA GLU A 640 -8.17 -2.49 26.64
C GLU A 640 -6.99 -1.69 27.18
N ASN A 641 -6.32 -2.21 28.19
CA ASN A 641 -5.15 -1.59 28.78
C ASN A 641 -3.92 -1.94 27.97
N PHE A 642 -2.91 -1.08 28.05
CA PHE A 642 -1.73 -1.15 27.21
C PHE A 642 -0.47 -1.34 28.03
N TYR A 643 0.56 -1.85 27.37
CA TYR A 643 1.93 -1.89 27.87
C TYR A 643 2.83 -0.97 27.05
N ALA A 644 4.01 -0.72 27.60
CA ALA A 644 5.06 0.00 26.88
C ALA A 644 6.39 -0.56 27.31
N GLY A 645 7.41 -0.38 26.46
CA GLY A 645 8.74 -0.87 26.74
C GLY A 645 9.28 -1.68 25.59
N GLY A 646 10.61 -1.80 25.49
CA GLY A 646 11.24 -2.53 24.43
C GLY A 646 11.89 -1.62 23.40
N SER A 647 12.42 -2.26 22.37
CA SER A 647 13.14 -1.55 21.32
C SER A 647 12.28 -0.52 20.62
N SER A 648 10.95 -0.62 20.74
CA SER A 648 10.07 0.36 20.13
C SER A 648 9.80 1.56 21.03
N THR A 649 10.18 1.50 22.31
CA THR A 649 9.80 2.57 23.23
C THR A 649 11.03 3.25 23.82
N VAL A 650 11.65 2.63 24.83
CA VAL A 650 12.94 3.07 25.35
C VAL A 650 13.91 1.91 25.17
N ARG A 651 14.93 2.11 24.34
CA ARG A 651 15.66 0.98 23.77
C ARG A 651 16.52 0.27 24.82
N GLY A 652 16.75 0.90 25.97
CA GLY A 652 17.55 0.33 27.04
C GLY A 652 16.80 -0.60 27.97
N PHE A 653 15.48 -0.72 27.81
CA PHE A 653 14.64 -1.45 28.73
C PHE A 653 13.98 -2.63 28.01
N GLN A 654 13.62 -3.65 28.78
CA GLN A 654 13.04 -4.87 28.21
C GLN A 654 11.67 -4.60 27.60
N SER A 655 11.28 -5.50 26.69
CA SER A 655 10.01 -5.38 26.01
C SER A 655 8.86 -5.44 27.01
N ASN A 656 7.87 -4.56 26.83
CA ASN A 656 6.65 -4.59 27.62
C ASN A 656 6.96 -4.56 29.12
N THR A 657 8.02 -3.82 29.48
CA THR A 657 8.47 -3.73 30.86
C THR A 657 8.06 -2.44 31.56
N ILE A 658 7.72 -1.40 30.83
CA ILE A 658 7.53 -0.09 31.43
C ILE A 658 6.17 -0.01 32.11
N GLY A 659 6.18 0.49 33.35
CA GLY A 659 4.99 0.70 34.15
C GLY A 659 4.78 -0.18 35.38
N PRO A 660 3.60 -0.04 35.96
CA PRO A 660 3.25 -0.76 37.20
C PRO A 660 3.31 -2.27 37.06
N LYS A 661 3.56 -2.92 38.20
CA LYS A 661 3.70 -4.37 38.29
C LYS A 661 2.48 -4.97 38.96
N ALA A 662 2.31 -6.28 38.78
CA ALA A 662 1.22 -7.02 39.40
C ALA A 662 1.31 -7.04 40.91
N VAL A 663 0.17 -6.81 41.56
CA VAL A 663 0.05 -6.89 43.01
C VAL A 663 -1.19 -7.72 43.33
N TYR A 664 -1.08 -8.59 44.32
CA TYR A 664 -2.17 -9.52 44.65
C TYR A 664 -2.50 -9.43 46.14
N GLN A 668 -4.70 -19.49 42.19
CA GLN A 668 -5.63 -20.14 43.11
C GLN A 668 -5.15 -21.55 43.43
N ALA A 669 -4.86 -22.31 42.37
CA ALA A 669 -4.31 -23.64 42.53
C ALA A 669 -2.82 -23.57 42.81
N SER A 670 -2.30 -24.65 43.40
CA SER A 670 -0.88 -24.77 43.67
C SER A 670 -0.48 -26.23 43.52
N ASN A 671 0.69 -26.44 42.93
CA ASN A 671 1.32 -27.77 42.87
C ASN A 671 2.58 -27.85 43.71
N TYR A 672 2.74 -26.96 44.69
CA TYR A 672 3.89 -27.01 45.58
C TYR A 672 3.47 -26.78 47.03
N ASP A 677 5.32 -21.86 44.21
CA ASP A 677 5.56 -20.73 43.32
C ASP A 677 4.35 -19.81 43.31
N TYR A 678 4.57 -18.51 43.48
CA TYR A 678 3.49 -17.53 43.49
C TYR A 678 2.46 -17.89 44.55
N GLU A 679 2.93 -18.58 45.59
CA GLU A 679 2.03 -19.11 46.61
C GLU A 679 1.20 -18.02 47.28
N CYS A 680 1.76 -16.83 47.49
CA CYS A 680 1.01 -15.80 48.18
C CYS A 680 -0.24 -15.34 47.42
N ALA A 681 -0.27 -15.52 46.10
CA ALA A 681 -1.45 -15.07 45.35
C ALA A 681 -2.52 -16.15 45.25
N THR A 682 -2.20 -17.39 45.60
CA THR A 682 -3.10 -18.51 45.37
C THR A 682 -3.91 -18.77 46.64
N GLN A 683 -4.82 -19.74 46.55
CA GLN A 683 -5.57 -20.23 47.70
C GLN A 683 -5.00 -21.51 48.29
N ASP A 684 -4.40 -22.37 47.46
CA ASP A 684 -3.84 -23.63 47.92
C ASP A 684 -2.35 -23.55 48.26
N GLY A 685 -1.68 -22.48 47.85
CA GLY A 685 -0.26 -22.33 48.09
C GLY A 685 0.07 -21.59 49.36
N ALA A 686 -0.28 -20.30 49.38
CA ALA A 686 -0.10 -19.44 50.53
C ALA A 686 -1.09 -18.29 50.42
N LYS A 687 -1.43 -17.71 51.56
CA LYS A 687 -2.36 -16.57 51.61
C LYS A 687 -1.63 -15.40 52.24
N ASP A 688 -1.09 -14.52 51.40
CA ASP A 688 -0.27 -13.42 51.86
C ASP A 688 -0.40 -12.24 50.88
N LEU A 689 0.30 -11.16 51.18
CA LEU A 689 0.33 -9.96 50.35
C LEU A 689 1.47 -10.03 49.34
N CYS A 690 1.14 -10.10 48.06
CA CYS A 690 2.11 -10.29 46.99
C CYS A 690 2.56 -8.96 46.40
N LYS A 691 3.86 -8.88 46.08
CA LYS A 691 4.45 -7.70 45.44
C LYS A 691 5.30 -8.23 44.28
N SER A 692 4.67 -8.39 43.12
CA SER A 692 5.31 -9.04 41.98
C SER A 692 6.07 -8.05 41.11
N ASP A 693 6.98 -8.60 40.31
CA ASP A 693 7.77 -7.87 39.32
C ASP A 693 7.14 -7.88 37.94
N ASP A 694 5.96 -8.48 37.78
CA ASP A 694 5.31 -8.60 36.48
C ASP A 694 4.50 -7.35 36.16
N ALA A 695 4.87 -6.67 35.07
CA ALA A 695 4.20 -5.45 34.64
C ALA A 695 2.75 -5.73 34.27
N VAL A 696 1.88 -4.77 34.57
CA VAL A 696 0.45 -4.85 34.25
C VAL A 696 0.03 -3.78 33.25
N GLY A 697 0.98 -3.06 32.66
CA GLY A 697 0.62 -1.97 31.76
C GLY A 697 0.19 -0.73 32.53
N GLY A 698 -0.65 0.08 31.90
CA GLY A 698 -1.06 1.31 32.56
C GLY A 698 -2.25 1.94 31.89
N ASN A 699 -2.59 3.14 32.38
CA ASN A 699 -3.72 3.89 31.86
C ASN A 699 -3.31 5.06 30.98
N ALA A 700 -2.09 5.57 31.14
CA ALA A 700 -1.64 6.71 30.36
C ALA A 700 -0.15 6.59 30.13
N MET A 701 0.29 7.09 28.98
CA MET A 701 1.70 7.02 28.64
C MET A 701 2.09 8.18 27.74
N ALA A 702 3.40 8.40 27.69
CA ALA A 702 4.04 9.32 26.76
C ALA A 702 5.41 8.75 26.43
N VAL A 703 5.80 8.82 25.16
CA VAL A 703 7.11 8.38 24.73
C VAL A 703 7.62 9.39 23.70
N ALA A 704 8.93 9.61 23.71
CA ALA A 704 9.56 10.53 22.78
C ALA A 704 10.94 10.01 22.46
N SER A 705 11.42 10.37 21.26
CA SER A 705 12.80 10.09 20.91
C SER A 705 13.29 11.10 19.88
N LEU A 706 14.60 11.22 19.80
CA LEU A 706 15.30 12.01 18.79
C LEU A 706 16.38 11.14 18.17
N GLU A 707 16.34 11.00 16.86
CA GLU A 707 17.31 10.24 16.08
C GLU A 707 18.17 11.18 15.25
N PHE A 708 19.48 11.05 15.36
CA PHE A 708 20.43 11.97 14.76
C PHE A 708 21.15 11.19 13.67
N ILE A 709 20.86 11.58 12.43
CA ILE A 709 21.30 10.90 11.21
C ILE A 709 22.28 11.81 10.49
N THR A 710 23.46 11.28 10.20
CA THR A 710 24.50 11.97 9.44
C THR A 710 24.99 11.01 8.37
N PRO A 711 25.55 11.52 7.28
CA PRO A 711 26.21 10.62 6.33
C PRO A 711 27.49 10.06 6.92
N THR A 712 27.82 8.84 6.51
CA THR A 712 29.01 8.17 7.02
C THR A 712 29.79 7.46 5.93
N PRO A 713 29.96 8.03 4.73
CA PRO A 713 30.74 7.32 3.70
C PRO A 713 32.22 7.34 3.99
N PHE A 714 32.66 8.16 4.96
CA PHE A 714 34.04 8.31 5.35
C PHE A 714 34.37 7.55 6.62
N ILE A 715 33.44 6.75 7.15
CA ILE A 715 33.70 5.93 8.32
C ILE A 715 33.52 4.44 8.05
N SER A 716 32.33 4.03 7.57
CA SER A 716 32.08 2.61 7.38
C SER A 716 31.31 2.22 6.12
N ASP A 717 30.90 3.17 5.29
CA ASP A 717 30.12 2.82 4.10
C ASP A 717 30.70 3.55 2.89
N LYS A 718 30.26 3.14 1.69
CA LYS A 718 30.50 3.91 0.48
C LYS A 718 29.26 4.57 -0.09
N TYR A 719 28.06 4.04 0.15
CA TYR A 719 26.85 4.52 -0.52
C TYR A 719 25.87 5.22 0.39
N ALA A 720 25.64 4.69 1.58
CA ALA A 720 24.68 5.25 2.54
C ALA A 720 23.30 5.32 1.91
N ASN A 721 22.94 4.32 1.11
CA ASN A 721 21.63 4.25 0.47
C ASN A 721 20.87 2.97 0.78
N SER A 722 21.29 2.18 1.77
CA SER A 722 20.58 0.94 2.08
C SER A 722 20.17 0.79 3.53
N VAL A 723 21.15 0.59 4.42
CA VAL A 723 20.92 0.54 5.86
C VAL A 723 21.76 1.63 6.50
N ARG A 724 21.09 2.56 7.17
CA ARG A 724 21.74 3.68 7.82
C ARG A 724 21.94 3.40 9.31
N THR A 725 22.99 3.98 9.86
CA THR A 725 23.30 3.88 11.28
C THR A 725 23.04 5.28 11.87
N SER A 726 22.33 5.34 12.99
CA SER A 726 22.04 6.63 13.58
C SER A 726 22.11 6.56 15.09
N PHE A 727 22.38 7.73 15.68
CA PHE A 727 22.41 7.89 17.13
C PHE A 727 21.02 8.30 17.59
N PHE A 728 20.57 7.79 18.72
CA PHE A 728 19.30 8.27 19.23
C PHE A 728 19.35 8.40 20.73
N TRP A 729 18.45 9.24 21.22
CA TRP A 729 18.16 9.40 22.63
C TRP A 729 16.65 9.34 22.80
N ASP A 730 16.18 8.67 23.84
CA ASP A 730 14.74 8.54 24.02
C ASP A 730 14.38 8.58 25.50
N MET A 731 13.07 8.68 25.72
CA MET A 731 12.48 8.78 27.05
C MET A 731 11.03 8.32 26.91
N GLY A 732 10.50 7.80 28.01
CA GLY A 732 9.06 7.57 28.07
C GLY A 732 8.64 7.12 29.45
N THR A 733 7.34 7.29 29.70
CA THR A 733 6.75 7.10 31.00
C THR A 733 5.36 6.52 30.80
N VAL A 734 4.97 5.68 31.75
CA VAL A 734 3.63 5.10 31.82
C VAL A 734 3.19 5.21 33.26
N TRP A 735 1.93 5.56 33.47
CA TRP A 735 1.39 5.60 34.82
C TRP A 735 -0.10 5.30 34.81
N ASP A 736 -0.60 5.00 36.00
CA ASP A 736 -1.99 4.67 36.24
C ASP A 736 -2.79 5.89 36.68
N THR A 737 -4.10 5.81 36.48
CA THR A 737 -5.04 6.70 37.10
C THR A 737 -5.69 5.96 38.26
N ASN A 738 -6.30 6.71 39.17
CA ASN A 738 -7.10 6.09 40.23
C ASN A 738 -6.27 5.07 41.01
N TRP A 739 -5.01 5.41 41.28
CA TRP A 739 -4.15 4.60 42.12
C TRP A 739 -4.28 5.08 43.56
N ASP A 740 -4.51 4.15 44.47
CA ASP A 740 -4.62 4.48 45.89
C ASP A 740 -3.29 4.19 46.58
N SER A 741 -2.52 5.26 46.81
CA SER A 741 -1.19 5.15 47.41
C SER A 741 -1.25 4.93 48.92
N SER A 742 -2.45 5.04 49.51
CA SER A 742 -2.64 4.90 50.94
C SER A 742 -2.91 3.48 51.40
N GLN A 743 -3.55 2.64 50.57
CA GLN A 743 -3.78 1.27 51.02
C GLN A 743 -2.50 0.47 50.86
N TYR A 744 -1.68 0.85 49.90
CA TYR A 744 -0.47 0.16 49.49
C TYR A 744 0.59 1.25 49.58
N SER A 745 1.30 1.31 50.72
CA SER A 745 2.23 2.39 51.01
C SER A 745 3.68 1.94 50.95
N GLY A 746 3.90 0.64 50.99
CA GLY A 746 5.20 0.02 50.92
C GLY A 746 5.54 -0.26 49.48
N TYR A 747 4.69 0.23 48.56
CA TYR A 747 4.74 0.02 47.14
C TYR A 747 4.88 1.37 46.44
N PRO A 748 5.53 1.41 45.29
CA PRO A 748 5.59 2.66 44.52
C PRO A 748 4.22 3.22 44.19
N ASP A 749 4.15 4.54 44.09
CA ASP A 749 2.95 5.23 43.64
C ASP A 749 2.89 5.05 42.12
N TYR A 750 1.92 4.30 41.63
CA TYR A 750 1.90 3.98 40.21
C TYR A 750 1.10 4.98 39.37
N SER A 751 0.70 6.11 39.95
CA SER A 751 0.06 7.18 39.20
C SER A 751 1.00 8.35 38.96
N ASP A 752 2.26 8.23 39.37
CA ASP A 752 3.22 9.32 39.28
C ASP A 752 3.95 9.27 37.95
N PRO A 753 3.70 10.21 37.02
CA PRO A 753 4.35 10.13 35.71
C PRO A 753 5.81 10.51 35.73
N SER A 754 6.32 11.09 36.82
CA SER A 754 7.69 11.60 36.79
C SER A 754 8.73 10.49 36.80
N ASN A 755 8.32 9.24 37.03
CA ASN A 755 9.28 8.13 37.05
C ASN A 755 9.54 7.77 35.58
N ILE A 756 10.27 8.66 34.92
CA ILE A 756 10.47 8.57 33.48
C ILE A 756 11.71 7.75 33.16
N ARG A 757 11.54 6.73 32.33
CA ARG A 757 12.63 5.87 31.91
C ARG A 757 13.23 6.46 30.64
N MET A 758 14.56 6.43 30.53
CA MET A 758 15.19 7.02 29.36
C MET A 758 16.47 6.26 29.04
N SER A 759 16.88 6.36 27.77
CA SER A 759 18.07 5.64 27.31
C SER A 759 18.64 6.35 26.10
N ALA A 760 19.82 5.90 25.69
CA ALA A 760 20.42 6.41 24.45
C ALA A 760 21.38 5.38 23.87
N GLY A 761 21.60 5.47 22.56
CA GLY A 761 22.47 4.52 21.89
C GLY A 761 22.36 4.62 20.39
N ILE A 762 22.68 3.51 19.71
CA ILE A 762 22.79 3.46 18.26
C ILE A 762 21.78 2.47 17.71
N ALA A 763 21.12 2.84 16.61
CA ALA A 763 20.13 2.00 15.97
C ALA A 763 20.38 1.94 14.46
N LEU A 764 19.96 0.84 13.84
CA LEU A 764 20.00 0.74 12.39
C LEU A 764 18.62 1.01 11.79
N GLN A 765 18.62 1.65 10.62
CA GLN A 765 17.43 1.96 9.85
C GLN A 765 17.57 1.19 8.53
N TRP A 766 16.85 0.09 8.39
CA TRP A 766 16.94 -0.75 7.21
C TRP A 766 15.97 -0.36 6.11
N MET A 767 16.51 -0.22 4.89
CA MET A 767 15.73 -0.05 3.68
C MET A 767 16.09 -1.13 2.67
N SER A 768 17.10 -1.94 2.98
CA SER A 768 17.68 -2.90 2.05
C SER A 768 16.70 -4.02 1.70
N PRO A 769 16.70 -4.50 0.46
CA PRO A 769 15.87 -5.66 0.10
C PRO A 769 16.12 -6.88 0.97
N LEU A 770 17.20 -6.90 1.75
CA LEU A 770 17.51 -8.04 2.61
C LEU A 770 16.38 -8.29 3.61
N GLY A 771 15.57 -7.29 3.91
CA GLY A 771 14.45 -7.42 4.81
C GLY A 771 14.46 -6.49 6.00
N PRO A 772 13.38 -6.54 6.77
CA PRO A 772 13.15 -5.68 7.96
C PRO A 772 13.93 -6.08 9.20
N LEU A 773 15.25 -5.96 9.14
CA LEU A 773 16.09 -6.39 10.25
C LEU A 773 16.22 -5.19 11.18
N VAL A 774 15.78 -5.33 12.42
CA VAL A 774 15.75 -4.24 13.38
C VAL A 774 16.74 -4.56 14.47
N PHE A 775 17.81 -3.78 14.54
CA PHE A 775 18.86 -3.96 15.53
C PHE A 775 19.14 -2.60 16.15
N SER A 776 19.23 -2.58 17.48
CA SER A 776 19.61 -1.38 18.19
C SER A 776 20.24 -1.76 19.52
N TYR A 777 21.04 -0.85 20.04
CA TYR A 777 21.65 -0.97 21.36
C TYR A 777 21.51 0.37 22.04
N ALA A 778 21.07 0.37 23.29
CA ALA A 778 20.98 1.60 24.03
C ALA A 778 21.12 1.30 25.51
N GLN A 779 21.71 2.23 26.23
CA GLN A 779 21.82 2.07 27.66
C GLN A 779 20.80 2.95 28.37
N PRO A 780 20.14 2.37 29.38
CA PRO A 780 19.20 3.14 30.20
C PRO A 780 19.96 4.08 31.12
N PHE A 781 19.31 5.19 31.46
CA PHE A 781 19.92 6.15 32.36
C PHE A 781 19.23 6.27 33.71
N LYS A 782 17.94 5.91 33.81
CA LYS A 782 17.19 6.18 35.02
C LYS A 782 16.41 4.92 35.39
N LYS A 783 16.35 4.60 36.68
CA LYS A 783 15.50 3.52 37.16
C LYS A 783 14.80 3.96 38.44
N TYR A 784 13.57 3.49 38.62
CA TYR A 784 12.74 3.85 39.75
C TYR A 784 12.24 2.68 40.58
N ASP A 785 11.83 1.57 39.94
CA ASP A 785 11.13 0.48 40.63
C ASP A 785 11.47 -0.89 40.06
N GLY A 786 12.70 -1.35 40.30
CA GLY A 786 13.08 -2.66 39.81
C GLY A 786 13.03 -2.73 38.31
N ASP A 787 13.37 -1.63 37.64
CA ASP A 787 13.27 -1.55 36.19
C ASP A 787 14.14 -2.63 35.57
N LYS A 788 13.57 -3.41 34.67
CA LYS A 788 14.25 -4.53 34.06
C LYS A 788 14.76 -4.02 32.72
N ALA A 789 16.08 -4.02 32.56
CA ALA A 789 16.72 -3.46 31.38
C ALA A 789 17.14 -4.51 30.38
N GLU A 790 17.32 -4.03 29.15
CA GLU A 790 17.79 -4.85 28.03
C GLU A 790 18.42 -3.84 27.08
N GLN A 791 19.75 -3.78 27.07
CA GLN A 791 20.42 -2.72 26.34
C GLN A 791 20.47 -3.01 24.84
N PHE A 792 20.54 -4.28 24.46
CA PHE A 792 20.68 -4.69 23.07
C PHE A 792 19.42 -5.44 22.67
N GLN A 793 18.71 -4.92 21.67
CA GLN A 793 17.47 -5.53 21.23
C GLN A 793 17.49 -5.65 19.71
N PHE A 794 16.87 -6.72 19.23
CA PHE A 794 16.68 -6.87 17.80
C PHE A 794 15.58 -7.88 17.52
N ASN A 795 15.07 -7.79 16.29
CA ASN A 795 14.13 -8.77 15.74
C ASN A 795 14.14 -8.57 14.22
N ILE A 796 13.35 -9.37 13.52
CA ILE A 796 13.20 -9.21 12.07
C ILE A 796 11.72 -9.23 11.72
N GLY A 797 11.32 -8.30 10.85
CA GLY A 797 9.92 -8.16 10.47
C GLY A 797 9.41 -9.33 9.64
N LYS A 798 10.32 -10.12 9.07
CA LYS A 798 9.97 -11.29 8.27
C LYS A 798 9.06 -10.92 7.11
N THR A 799 9.33 -9.79 6.46
CA THR A 799 8.56 -9.36 5.30
C THR A 799 9.48 -8.61 4.34
N TRP A 800 8.87 -7.98 3.34
CA TRP A 800 9.52 -7.29 2.21
C TRP A 800 9.72 -8.26 1.06
N ASP B 14 -13.24 -20.11 -23.95
CA ASP B 14 -12.99 -20.66 -25.27
C ASP B 14 -14.25 -20.59 -26.14
N GLU B 15 -15.41 -20.77 -25.53
CA GLU B 15 -16.67 -20.77 -26.26
C GLU B 15 -17.31 -19.38 -26.36
N ALA B 16 -16.72 -18.35 -25.77
CA ALA B 16 -17.39 -17.06 -25.74
C ALA B 16 -17.65 -16.55 -27.15
N TYR B 17 -16.73 -16.84 -28.07
CA TYR B 17 -16.85 -16.32 -29.43
C TYR B 17 -18.04 -16.97 -30.11
N LEU B 18 -18.46 -18.12 -29.59
CA LEU B 18 -19.53 -18.89 -30.20
C LEU B 18 -20.87 -18.18 -30.04
N GLU B 19 -20.93 -17.11 -29.23
CA GLU B 19 -22.18 -16.35 -29.17
C GLU B 19 -22.60 -15.96 -30.58
N ALA B 20 -21.62 -15.62 -31.42
CA ALA B 20 -21.84 -15.24 -32.81
C ALA B 20 -22.97 -14.23 -32.98
N ALA B 21 -22.97 -13.18 -32.18
CA ALA B 21 -24.07 -12.24 -32.28
C ALA B 21 -24.08 -11.68 -33.71
N PRO B 22 -25.26 -11.42 -34.28
CA PRO B 22 -25.28 -10.85 -35.63
C PRO B 22 -24.72 -9.44 -35.65
N LEU B 23 -23.97 -9.12 -36.71
CA LEU B 23 -23.44 -7.76 -36.86
C LEU B 23 -24.41 -6.97 -37.73
N ALA B 24 -25.52 -6.57 -37.13
CA ALA B 24 -26.52 -5.82 -37.85
C ALA B 24 -26.19 -4.35 -37.64
N GLU B 25 -26.23 -3.56 -38.70
CA GLU B 25 -25.97 -2.15 -38.51
C GLU B 25 -27.28 -1.44 -38.18
N LEU B 26 -27.16 -0.34 -37.44
CA LEU B 26 -28.30 0.52 -37.20
C LEU B 26 -28.67 1.22 -38.49
N HIS B 27 -29.96 1.37 -38.76
CA HIS B 27 -30.38 2.10 -39.94
C HIS B 27 -30.49 3.57 -39.62
N ALA B 28 -30.32 4.40 -40.65
CA ALA B 28 -30.48 5.83 -40.49
C ALA B 28 -31.94 6.21 -40.30
N PRO B 29 -32.23 7.26 -39.54
CA PRO B 29 -33.59 7.79 -39.49
C PRO B 29 -33.96 8.47 -40.80
N ALA B 30 -35.25 8.50 -41.09
CA ALA B 30 -35.76 9.18 -42.28
C ALA B 30 -35.36 10.65 -42.25
N LEU B 34 -27.91 11.61 -41.73
CA LEU B 34 -27.04 10.46 -41.90
C LEU B 34 -25.79 10.64 -41.04
N PRO B 35 -25.57 9.75 -40.08
CA PRO B 35 -24.36 9.84 -39.25
C PRO B 35 -23.08 9.71 -40.07
N VAL B 36 -22.01 10.29 -39.53
CA VAL B 36 -20.68 10.17 -40.10
C VAL B 36 -20.15 8.76 -39.88
N THR B 37 -19.69 8.12 -40.95
CA THR B 37 -19.18 6.76 -40.88
C THR B 37 -17.83 6.71 -41.59
N SER B 38 -17.10 5.62 -41.35
CA SER B 38 -15.83 5.36 -42.00
C SER B 38 -15.82 3.94 -42.53
N GLY B 39 -14.77 3.61 -43.29
CA GLY B 39 -14.59 2.27 -43.81
C GLY B 39 -13.53 1.45 -43.13
N ASP B 40 -13.00 1.88 -41.99
CA ASP B 40 -11.95 1.11 -41.35
C ASP B 40 -12.53 -0.12 -40.67
N TYR B 41 -11.67 -1.11 -40.41
CA TYR B 41 -12.09 -2.37 -39.81
C TYR B 41 -13.26 -2.97 -40.61
N ALA B 42 -13.13 -2.92 -41.93
CA ALA B 42 -14.15 -3.48 -42.81
C ALA B 42 -14.17 -5.00 -42.74
N ILE B 43 -15.35 -5.55 -42.98
CA ILE B 43 -15.54 -7.00 -43.07
C ILE B 43 -15.41 -7.39 -44.54
N PRO B 44 -14.47 -8.28 -44.90
CA PRO B 44 -14.33 -8.61 -46.33
C PRO B 44 -15.23 -9.75 -46.77
N LEU C 4 -23.65 16.10 2.55
CA LEU C 4 -22.27 15.60 2.68
C LEU C 4 -21.45 16.07 1.50
N GLU C 5 -21.96 15.83 0.29
CA GLU C 5 -21.15 16.00 -0.91
C GLU C 5 -20.62 17.43 -1.03
N ARG C 6 -21.38 18.40 -0.54
CA ARG C 6 -21.10 19.82 -0.66
C ARG C 6 -19.88 20.28 0.12
N VAL C 7 -19.31 19.44 0.99
CA VAL C 7 -18.09 19.79 1.72
C VAL C 7 -16.96 18.82 1.44
N VAL C 8 -17.09 17.95 0.44
CA VAL C 8 -16.04 16.98 0.14
C VAL C 8 -15.07 17.58 -0.88
N TYR C 9 -13.78 17.37 -0.63
CA TYR C 9 -12.73 17.89 -1.51
C TYR C 9 -12.88 17.30 -2.91
N ARG C 10 -12.72 18.15 -3.93
CA ARG C 10 -12.76 17.71 -5.33
C ARG C 10 -11.68 18.37 -6.17
N PRO C 11 -11.04 17.62 -7.06
CA PRO C 11 -10.05 18.24 -7.96
C PRO C 11 -10.74 19.14 -8.98
N ASP C 12 -9.97 20.05 -9.57
CA ASP C 12 -10.55 20.93 -10.58
C ASP C 12 -11.02 20.16 -11.80
N ILE C 13 -12.15 20.59 -12.36
CA ILE C 13 -12.69 20.06 -13.60
C ILE C 13 -12.51 21.08 -14.71
N ASN C 14 -11.88 20.67 -15.82
CA ASN C 14 -11.62 21.52 -16.97
C ASN C 14 -12.10 20.80 -18.22
N GLN C 15 -13.08 21.36 -18.92
CA GLN C 15 -13.64 20.69 -20.09
C GLN C 15 -13.86 21.70 -21.21
N GLY C 16 -13.69 21.24 -22.44
CA GLY C 16 -13.94 22.09 -23.58
C GLY C 16 -12.69 22.83 -24.01
N ASN C 17 -12.88 23.77 -24.93
CA ASN C 17 -11.80 24.56 -25.49
C ASN C 17 -11.69 25.92 -24.80
N TYR C 18 -10.52 26.53 -24.94
CA TYR C 18 -10.28 27.86 -24.40
C TYR C 18 -11.00 28.90 -25.25
N LEU C 19 -11.64 29.86 -24.58
CA LEU C 19 -12.24 31.01 -25.24
C LEU C 19 -11.74 32.32 -24.63
N THR C 20 -11.63 33.33 -25.47
CA THR C 20 -11.31 34.67 -25.02
C THR C 20 -11.91 35.70 -25.97
N ALA C 21 -12.31 36.85 -25.40
CA ALA C 21 -12.88 37.94 -26.20
C ALA C 21 -11.94 38.41 -27.29
N ASN C 22 -10.63 38.37 -27.03
CA ASN C 22 -9.65 38.83 -28.00
C ASN C 22 -9.77 38.10 -29.33
N ASP C 23 -10.20 36.84 -29.31
CA ASP C 23 -10.36 36.09 -30.55
C ASP C 23 -11.80 36.05 -31.04
N VAL C 24 -12.78 35.94 -30.14
CA VAL C 24 -14.16 35.84 -30.61
C VAL C 24 -14.59 37.15 -31.24
N SER C 25 -14.14 38.28 -30.68
CA SER C 25 -14.55 39.56 -31.23
C SER C 25 -13.98 39.79 -32.62
N LYS C 26 -13.04 38.98 -33.06
CA LYS C 26 -12.41 39.10 -34.37
C LYS C 26 -13.06 38.24 -35.44
N ILE C 27 -14.07 37.44 -35.11
CA ILE C 27 -14.69 36.54 -36.06
C ILE C 27 -15.78 37.29 -36.81
N ARG C 28 -15.81 37.15 -38.12
CA ARG C 28 -16.76 37.86 -38.96
C ARG C 28 -17.45 36.91 -39.92
N VAL C 29 -18.68 37.26 -40.29
CA VAL C 29 -19.37 36.56 -41.36
C VAL C 29 -18.64 36.82 -42.67
N GLY C 30 -18.43 35.75 -43.45
CA GLY C 30 -17.59 35.78 -44.62
C GLY C 30 -16.19 35.25 -44.38
N MET C 31 -15.82 35.05 -43.12
CA MET C 31 -14.51 34.51 -42.78
C MET C 31 -14.56 33.00 -43.03
N THR C 32 -13.48 32.45 -43.58
CA THR C 32 -13.50 31.06 -43.98
C THR C 32 -13.09 30.15 -42.84
N GLN C 33 -13.41 28.86 -42.99
CA GLN C 33 -13.07 27.89 -41.97
C GLN C 33 -11.57 27.81 -41.74
N GLN C 34 -10.76 28.00 -42.79
CA GLN C 34 -9.31 27.93 -42.56
C GLN C 34 -8.86 29.15 -41.76
N GLN C 35 -9.44 30.31 -42.04
CA GLN C 35 -9.06 31.52 -41.32
C GLN C 35 -9.54 31.44 -39.89
N VAL C 36 -10.76 30.93 -39.69
CA VAL C 36 -11.31 30.86 -38.35
C VAL C 36 -10.53 29.82 -37.54
N ALA C 37 -10.26 28.67 -38.15
CA ALA C 37 -9.51 27.62 -37.46
C ALA C 37 -8.14 28.13 -37.05
N TYR C 38 -7.48 28.91 -37.92
CA TYR C 38 -6.22 29.54 -37.53
C TYR C 38 -6.42 30.47 -36.35
N ALA C 39 -7.40 31.35 -36.44
CA ALA C 39 -7.59 32.37 -35.41
C ALA C 39 -7.93 31.75 -34.05
N LEU C 40 -8.83 30.76 -34.06
CA LEU C 40 -9.39 30.15 -32.86
C LEU C 40 -8.77 28.82 -32.48
N GLY C 41 -8.29 28.04 -33.44
CA GLY C 41 -7.85 26.69 -33.19
C GLY C 41 -8.86 25.65 -33.66
N THR C 42 -8.39 24.42 -33.71
CA THR C 42 -9.19 23.31 -34.19
C THR C 42 -10.46 23.10 -33.36
N PRO C 43 -11.63 22.98 -33.99
CA PRO C 43 -12.85 22.69 -33.22
C PRO C 43 -12.74 21.37 -32.48
N LEU C 44 -13.41 21.29 -31.33
CA LEU C 44 -13.51 20.04 -30.59
C LEU C 44 -14.80 19.27 -30.85
N MET C 45 -15.88 19.95 -31.24
CA MET C 45 -17.16 19.30 -31.49
C MET C 45 -17.68 19.67 -32.87
N SER C 46 -18.42 18.73 -33.46
CA SER C 46 -19.00 18.91 -34.79
C SER C 46 -20.33 18.18 -34.84
N ASP C 47 -21.06 18.40 -35.93
CA ASP C 47 -22.37 17.78 -36.07
C ASP C 47 -22.25 16.29 -36.39
N PRO C 48 -22.85 15.40 -35.60
CA PRO C 48 -22.74 13.96 -35.89
C PRO C 48 -23.25 13.57 -37.27
N PHE C 49 -24.08 14.40 -37.90
CA PHE C 49 -24.70 14.08 -39.19
C PHE C 49 -24.08 14.86 -40.34
N GLY C 50 -22.97 15.53 -40.11
CA GLY C 50 -22.26 16.23 -41.16
C GLY C 50 -22.74 17.63 -41.47
N THR C 51 -23.61 18.22 -40.65
CA THR C 51 -24.04 19.58 -40.92
C THR C 51 -22.81 20.47 -40.84
N ASN C 52 -22.67 21.40 -41.79
CA ASN C 52 -21.47 22.22 -41.80
C ASN C 52 -21.57 23.29 -40.72
N THR C 53 -21.33 22.88 -39.48
CA THR C 53 -21.38 23.79 -38.36
C THR C 53 -20.36 23.37 -37.32
N TRP C 54 -19.81 24.35 -36.61
CA TRP C 54 -18.85 24.09 -35.55
C TRP C 54 -19.41 24.53 -34.21
N PHE C 55 -19.06 23.78 -33.16
CA PHE C 55 -19.41 24.15 -31.80
C PHE C 55 -18.17 24.20 -30.93
N TYR C 56 -18.09 25.24 -30.10
CA TYR C 56 -17.04 25.39 -29.10
C TYR C 56 -17.65 25.54 -27.71
N VAL C 57 -17.00 24.94 -26.73
CA VAL C 57 -17.45 24.92 -25.35
C VAL C 57 -16.26 25.21 -24.46
N PHE C 58 -16.42 26.17 -23.57
CA PHE C 58 -15.43 26.49 -22.53
C PHE C 58 -16.11 26.31 -21.18
N ARG C 59 -15.73 25.25 -20.46
CA ARG C 59 -16.36 24.87 -19.21
C ARG C 59 -15.28 24.72 -18.16
N GLN C 60 -15.46 25.40 -17.03
CA GLN C 60 -14.55 25.27 -15.91
C GLN C 60 -15.35 25.12 -14.63
N GLN C 61 -14.90 24.22 -13.76
CA GLN C 61 -15.50 24.04 -12.45
C GLN C 61 -14.37 23.83 -11.45
N PRO C 62 -13.97 24.87 -10.73
CA PRO C 62 -12.89 24.70 -9.75
C PRO C 62 -13.31 23.66 -8.73
N GLY C 63 -12.32 23.00 -8.13
CA GLY C 63 -12.64 21.96 -7.18
C GLY C 63 -13.39 22.53 -5.99
N HIS C 64 -14.44 21.83 -5.57
CA HIS C 64 -15.24 22.23 -4.42
C HIS C 64 -15.98 23.53 -4.70
N GLU C 65 -16.21 23.84 -5.97
CA GLU C 65 -16.95 25.02 -6.42
C GLU C 65 -17.93 24.62 -7.53
N GLY C 66 -18.69 25.62 -7.99
CA GLY C 66 -19.61 25.43 -9.08
C GLY C 66 -18.95 25.55 -10.44
N VAL C 67 -19.77 25.45 -11.49
CA VAL C 67 -19.31 25.39 -12.86
C VAL C 67 -19.78 26.62 -13.63
N THR C 68 -18.90 27.12 -14.48
CA THR C 68 -19.16 28.21 -15.41
C THR C 68 -18.92 27.67 -16.81
N GLN C 69 -19.82 27.95 -17.73
CA GLN C 69 -19.64 27.47 -19.09
C GLN C 69 -20.18 28.47 -20.09
N GLN C 70 -19.38 28.68 -21.14
CA GLN C 70 -19.69 29.51 -22.29
C GLN C 70 -19.67 28.65 -23.55
N THR C 71 -20.60 28.89 -24.46
CA THR C 71 -20.56 28.17 -25.73
C THR C 71 -20.60 29.13 -26.91
N LEU C 72 -20.08 28.63 -28.03
CA LEU C 72 -20.01 29.31 -29.31
C LEU C 72 -20.56 28.42 -30.42
N THR C 73 -21.43 28.98 -31.26
CA THR C 73 -22.04 28.24 -32.36
C THR C 73 -21.67 28.94 -33.66
N LEU C 74 -21.14 28.17 -34.63
CA LEU C 74 -20.72 28.70 -35.92
C LEU C 74 -21.47 27.99 -37.05
N THR C 75 -22.20 28.74 -37.86
CA THR C 75 -22.98 28.18 -38.96
C THR C 75 -22.25 28.53 -40.25
N PHE C 76 -21.93 27.50 -41.03
CA PHE C 76 -21.20 27.63 -42.29
C PHE C 76 -22.06 27.21 -43.47
N ASN C 77 -21.72 27.74 -44.65
CA ASN C 77 -22.33 27.31 -45.89
C ASN C 77 -21.60 26.08 -46.46
N SER C 78 -22.00 25.65 -47.65
CA SER C 78 -21.45 24.45 -48.26
C SER C 78 -20.00 24.62 -48.69
N SER C 79 -19.48 25.84 -48.71
CA SER C 79 -18.12 26.12 -49.11
C SER C 79 -17.17 26.26 -47.92
N GLY C 80 -17.67 26.11 -46.70
CA GLY C 80 -16.86 26.29 -45.52
C GLY C 80 -16.69 27.73 -45.14
N VAL C 81 -17.61 28.60 -45.56
CA VAL C 81 -17.58 30.03 -45.26
C VAL C 81 -18.64 30.29 -44.21
N LEU C 82 -18.25 30.90 -43.10
CA LEU C 82 -19.21 31.14 -42.04
C LEU C 82 -20.36 31.99 -42.52
N THR C 83 -21.58 31.54 -42.23
CA THR C 83 -22.79 32.26 -42.59
C THR C 83 -23.46 32.92 -41.41
N ASN C 84 -23.30 32.36 -40.22
CA ASN C 84 -23.93 32.91 -39.02
C ASN C 84 -23.13 32.49 -37.80
N ILE C 85 -23.55 33.00 -36.65
CA ILE C 85 -22.81 32.79 -35.41
C ILE C 85 -23.73 33.11 -34.24
N ASP C 86 -23.57 32.36 -33.15
CA ASP C 86 -24.27 32.64 -31.91
C ASP C 86 -23.29 32.39 -30.77
N ASN C 87 -23.74 32.73 -29.56
CA ASN C 87 -22.92 32.57 -28.37
C ASN C 87 -23.81 32.59 -27.13
N LYS C 88 -23.43 31.76 -26.16
CA LYS C 88 -24.14 31.64 -24.89
C LYS C 88 -23.09 31.92 -23.82
N PRO C 89 -22.96 33.19 -23.39
CA PRO C 89 -21.92 33.55 -22.42
C PRO C 89 -22.02 32.83 -21.08
N ALA C 90 -23.21 32.32 -20.72
CA ALA C 90 -23.39 31.68 -19.43
C ALA C 90 -24.52 30.66 -19.52
N LEU C 91 -24.50 29.73 -18.57
CA LEU C 91 -25.53 28.71 -18.46
C LEU C 91 -26.81 29.28 -17.87
N SER C 92 -27.93 28.72 -18.30
CA SER C 92 -29.24 29.08 -17.78
C SER C 92 -29.86 27.90 -17.05
N THR D 96 -3.91 -17.18 -33.76
CA THR D 96 -4.28 -15.86 -33.26
C THR D 96 -3.88 -15.76 -31.79
N ASN D 97 -3.18 -14.68 -31.44
CA ASN D 97 -2.67 -14.50 -30.08
C ASN D 97 -3.77 -13.99 -29.14
N MET D 98 -4.72 -14.88 -28.84
CA MET D 98 -5.78 -14.51 -27.91
C MET D 98 -5.35 -14.75 -26.47
N ALA D 99 -4.13 -15.25 -26.28
CA ALA D 99 -3.59 -15.51 -24.96
C ALA D 99 -3.48 -14.25 -24.11
N LEU D 100 -3.42 -13.08 -24.72
CA LEU D 100 -3.32 -11.85 -23.95
C LEU D 100 -4.67 -11.33 -23.49
N ASP D 101 -5.77 -12.00 -23.84
CA ASP D 101 -7.09 -11.61 -23.36
C ASP D 101 -7.60 -12.55 -22.26
N ASP D 102 -6.71 -13.26 -21.58
CA ASP D 102 -7.14 -14.15 -20.50
C ASP D 102 -5.99 -14.36 -19.51
N SER D 103 -6.29 -15.11 -18.46
CA SER D 103 -5.33 -15.55 -17.45
C SER D 103 -6.02 -16.65 -16.66
N ALA D 104 -5.23 -17.39 -15.89
CA ALA D 104 -5.79 -18.48 -15.09
C ALA D 104 -6.82 -17.95 -14.10
N LEU D 105 -6.50 -16.82 -13.45
CA LEU D 105 -7.36 -16.28 -12.40
C LEU D 105 -8.55 -15.55 -13.01
N GLN D 106 -8.32 -14.78 -14.07
CA GLN D 106 -9.39 -14.04 -14.72
C GLN D 106 -10.36 -15.01 -15.38
N GLY D 107 -9.83 -16.08 -15.96
CA GLY D 107 -10.67 -17.14 -16.51
C GLY D 107 -11.46 -17.90 -15.47
N PHE D 108 -10.79 -18.38 -14.42
CA PHE D 108 -11.47 -19.21 -13.42
C PHE D 108 -12.71 -18.54 -12.84
N PHE D 109 -12.65 -17.25 -12.48
CA PHE D 109 -13.81 -16.62 -11.85
C PHE D 109 -14.82 -16.04 -12.84
N GLY D 110 -14.68 -16.28 -14.13
CA GLY D 110 -15.76 -15.91 -15.03
C GLY D 110 -15.96 -14.41 -15.21
N VAL D 111 -14.88 -13.65 -15.31
CA VAL D 111 -14.99 -12.20 -15.45
C VAL D 111 -14.40 -11.77 -16.79
N ASP D 112 -14.85 -10.60 -17.25
CA ASP D 112 -14.43 -10.02 -18.51
C ASP D 112 -13.02 -9.42 -18.41
N ARG D 113 -12.41 -9.29 -19.59
CA ARG D 113 -11.10 -8.70 -19.77
C ARG D 113 -11.19 -7.47 -20.66
N SER D 114 -12.41 -7.09 -21.05
CA SER D 114 -12.66 -5.94 -21.92
C SER D 114 -12.18 -4.61 -21.38
N ASP D 115 -12.03 -4.43 -20.06
CA ASP D 115 -11.55 -3.13 -19.59
C ASP D 115 -10.06 -3.16 -19.27
N ARG D 116 -9.34 -4.13 -19.81
CA ARG D 116 -7.89 -4.20 -19.71
C ARG D 116 -7.31 -3.63 -21.01
N ASP D 117 -6.01 -3.37 -21.01
CA ASP D 117 -5.39 -2.75 -22.19
C ASP D 117 -5.87 -3.47 -23.46
N PRO D 118 -6.58 -2.78 -24.35
CA PRO D 118 -7.10 -3.43 -25.56
C PRO D 118 -6.15 -3.45 -26.76
N GLN D 119 -4.93 -2.92 -26.65
CA GLN D 119 -4.11 -2.72 -27.83
C GLN D 119 -3.74 -4.07 -28.43
N HIS D 120 -3.60 -5.08 -27.60
CA HIS D 120 -3.24 -6.41 -28.05
C HIS D 120 -4.37 -7.00 -28.89
N ALA D 121 -5.62 -6.76 -28.49
CA ALA D 121 -6.72 -7.24 -29.29
C ALA D 121 -6.76 -6.52 -30.63
N ARG D 122 -6.35 -5.25 -30.67
CA ARG D 122 -6.34 -4.57 -31.96
C ARG D 122 -5.30 -5.24 -32.83
N ALA D 123 -4.14 -5.57 -32.25
CA ALA D 123 -3.12 -6.24 -33.04
C ALA D 123 -3.69 -7.57 -33.53
N ALA D 124 -4.51 -8.19 -32.70
CA ALA D 124 -5.13 -9.48 -32.99
C ALA D 124 -6.12 -9.36 -34.12
N PHE D 125 -6.55 -8.13 -34.42
CA PHE D 125 -7.60 -7.95 -35.43
C PHE D 125 -7.11 -8.37 -36.81
N SER D 126 -5.87 -8.04 -37.14
CA SER D 126 -5.33 -8.40 -38.46
C SER D 126 -6.21 -7.86 -39.58
N LYS D 146 -16.05 -15.72 -39.00
CA LYS D 146 -16.68 -14.68 -38.20
C LYS D 146 -15.76 -14.33 -37.03
N ARG D 147 -14.46 -14.41 -37.30
CA ARG D 147 -13.45 -14.19 -36.27
C ARG D 147 -13.46 -12.75 -35.75
N LEU D 148 -13.97 -11.80 -36.53
CA LEU D 148 -13.94 -10.39 -36.13
C LEU D 148 -15.15 -9.94 -35.31
N VAL D 149 -16.17 -10.77 -35.14
CA VAL D 149 -17.35 -10.32 -34.39
C VAL D 149 -16.99 -10.17 -32.92
N PHE D 150 -16.28 -11.16 -32.38
CA PHE D 150 -15.83 -11.11 -31.00
C PHE D 150 -14.99 -9.86 -30.77
N LEU D 151 -14.02 -9.62 -31.64
CA LEU D 151 -13.14 -8.47 -31.45
C LEU D 151 -13.91 -7.16 -31.54
N LYS D 152 -14.86 -7.09 -32.49
CA LYS D 152 -15.71 -5.90 -32.64
C LYS D 152 -16.36 -5.55 -31.31
N ASP D 153 -16.95 -6.54 -30.65
CA ASP D 153 -17.63 -6.22 -29.40
C ASP D 153 -16.65 -6.09 -28.23
N ARG D 154 -15.56 -6.85 -28.22
CA ARG D 154 -14.61 -6.73 -27.12
C ARG D 154 -14.01 -5.33 -27.09
N LEU D 155 -13.78 -4.75 -28.27
CA LEU D 155 -13.23 -3.40 -28.37
C LEU D 155 -14.30 -2.36 -28.06
N ALA D 156 -15.53 -2.59 -28.54
CA ALA D 156 -16.57 -1.60 -28.27
C ALA D 156 -16.84 -1.55 -26.77
N LYS D 157 -16.78 -2.69 -26.08
CA LYS D 157 -17.00 -2.66 -24.65
C LYS D 157 -15.95 -1.79 -23.98
N TYR D 158 -14.69 -1.90 -24.42
CA TYR D 158 -13.64 -1.05 -23.87
C TYR D 158 -14.02 0.41 -24.01
N GLU D 159 -14.40 0.82 -25.21
CA GLU D 159 -14.67 2.23 -25.43
C GLU D 159 -15.86 2.65 -24.57
N TYR D 160 -16.85 1.78 -24.46
CA TYR D 160 -18.02 2.05 -23.63
C TYR D 160 -17.62 2.25 -22.18
N SER D 161 -16.79 1.34 -21.65
CA SER D 161 -16.38 1.44 -20.26
C SER D 161 -15.65 2.74 -20.00
N VAL D 162 -14.83 3.16 -20.96
CA VAL D 162 -14.16 4.45 -20.79
C VAL D 162 -15.20 5.56 -20.75
N ALA D 163 -16.18 5.48 -21.66
CA ALA D 163 -17.24 6.47 -21.67
C ALA D 163 -17.96 6.52 -20.34
N GLU D 164 -18.22 5.35 -19.74
CA GLU D 164 -18.89 5.35 -18.44
C GLU D 164 -18.02 5.98 -17.37
N TYR D 165 -16.71 5.68 -17.37
CA TYR D 165 -15.85 6.28 -16.37
C TYR D 165 -15.95 7.79 -16.44
N TYR D 166 -15.84 8.35 -17.64
CA TYR D 166 -15.86 9.79 -17.75
C TYR D 166 -17.28 10.34 -17.56
N THR D 167 -18.30 9.52 -17.82
CA THR D 167 -19.66 9.97 -17.60
C THR D 167 -19.87 10.20 -16.11
N GLU D 168 -19.42 9.25 -15.30
CA GLU D 168 -19.54 9.41 -13.86
C GLU D 168 -18.64 10.54 -13.37
N ARG D 169 -17.41 10.60 -13.89
CA ARG D 169 -16.49 11.65 -13.47
C ARG D 169 -16.99 13.02 -13.91
N GLY D 170 -17.67 13.08 -15.05
CA GLY D 170 -18.24 14.30 -15.59
C GLY D 170 -17.57 14.88 -16.82
N ALA D 171 -16.59 14.21 -17.42
CA ALA D 171 -15.93 14.76 -18.61
C ALA D 171 -16.70 14.36 -19.87
N TRP D 172 -17.93 14.84 -19.94
CA TRP D 172 -18.84 14.38 -20.99
C TRP D 172 -18.53 14.90 -22.39
N VAL D 173 -17.75 15.99 -22.55
CA VAL D 173 -17.41 16.42 -23.91
C VAL D 173 -16.46 15.42 -24.56
N ALA D 174 -15.44 14.98 -23.82
CA ALA D 174 -14.54 13.96 -24.33
C ALA D 174 -15.34 12.70 -24.63
N VAL D 175 -16.34 12.41 -23.79
CA VAL D 175 -17.19 11.25 -24.01
C VAL D 175 -17.91 11.40 -25.34
N VAL D 176 -18.49 12.58 -25.59
CA VAL D 176 -19.21 12.80 -26.85
C VAL D 176 -18.27 12.54 -28.02
N ASN D 177 -17.02 13.02 -27.94
CA ASN D 177 -16.14 12.77 -29.07
C ASN D 177 -15.84 11.28 -29.21
N ARG D 178 -15.74 10.57 -28.08
CA ARG D 178 -15.43 9.14 -28.12
C ARG D 178 -16.61 8.38 -28.70
N VAL D 179 -17.81 8.82 -28.33
CA VAL D 179 -19.06 8.23 -28.81
C VAL D 179 -19.18 8.42 -30.31
N GLU D 180 -18.84 9.60 -30.81
CA GLU D 180 -18.87 9.79 -32.26
C GLU D 180 -17.84 8.89 -32.93
N GLY D 181 -16.69 8.68 -32.29
CA GLY D 181 -15.73 7.74 -32.85
C GLY D 181 -16.31 6.33 -32.93
N MET D 182 -17.01 5.91 -31.87
CA MET D 182 -17.65 4.60 -31.83
C MET D 182 -18.74 4.47 -32.88
N LEU D 183 -19.56 5.51 -33.04
CA LEU D 183 -20.65 5.46 -34.01
C LEU D 183 -20.11 5.40 -35.42
N ARG D 184 -19.02 6.11 -35.68
CA ARG D 184 -18.46 6.15 -37.01
C ARG D 184 -17.76 4.84 -37.35
N ASP D 185 -16.87 4.39 -36.47
CA ASP D 185 -16.08 3.19 -36.72
C ASP D 185 -16.75 1.85 -36.40
N TYR D 186 -17.75 1.78 -35.51
CA TYR D 186 -18.40 0.49 -35.22
C TYR D 186 -19.93 0.56 -35.27
N PRO D 187 -20.50 0.82 -36.44
CA PRO D 187 -21.97 0.92 -36.55
C PRO D 187 -22.78 -0.31 -36.15
N ASP D 188 -22.19 -1.52 -36.15
CA ASP D 188 -22.97 -2.75 -35.93
C ASP D 188 -22.77 -3.41 -34.57
N THR D 189 -22.24 -2.72 -33.57
CA THR D 189 -22.03 -3.34 -32.28
C THR D 189 -23.14 -2.98 -31.30
N GLN D 190 -23.19 -3.74 -30.21
CA GLN D 190 -24.19 -3.49 -29.17
C GLN D 190 -23.94 -2.12 -28.57
N ALA D 191 -22.67 -1.72 -28.51
CA ALA D 191 -22.28 -0.47 -27.88
C ALA D 191 -22.99 0.70 -28.53
N THR D 192 -23.50 0.53 -29.74
CA THR D 192 -24.08 1.64 -30.47
C THR D 192 -25.32 2.14 -29.73
N ARG D 193 -25.96 1.25 -28.99
CA ARG D 193 -27.10 1.64 -28.16
C ARG D 193 -26.57 2.03 -26.80
N ASP D 194 -25.57 1.28 -26.33
CA ASP D 194 -25.03 1.44 -24.99
C ASP D 194 -24.37 2.80 -24.87
N ALA D 195 -23.81 3.28 -25.98
CA ALA D 195 -23.02 4.50 -26.09
C ALA D 195 -23.88 5.74 -26.20
N LEU D 196 -25.19 5.58 -26.28
CA LEU D 196 -26.09 6.71 -26.54
C LEU D 196 -25.95 7.83 -25.51
N PRO D 197 -25.83 7.54 -24.20
CA PRO D 197 -25.72 8.60 -23.20
C PRO D 197 -24.27 8.89 -22.81
N ALA D 202 -24.69 12.23 -19.05
CA ALA D 202 -23.96 13.37 -18.52
C ALA D 202 -23.99 14.55 -19.49
N TYR D 203 -23.78 14.28 -20.78
CA TYR D 203 -23.81 15.36 -21.75
C TYR D 203 -25.19 15.96 -21.92
N ARG D 204 -26.24 15.22 -21.58
CA ARG D 204 -27.59 15.71 -21.81
C ARG D 204 -27.99 16.79 -20.82
N GLN D 205 -27.11 17.15 -19.87
CA GLN D 205 -27.38 18.29 -19.01
C GLN D 205 -27.25 19.61 -19.76
N MET D 206 -26.53 19.61 -20.89
CA MET D 206 -26.32 20.79 -21.71
C MET D 206 -27.35 20.83 -22.83
N GLN D 207 -27.78 22.02 -23.19
CA GLN D 207 -28.79 22.16 -24.24
C GLN D 207 -28.12 21.90 -25.58
N MET D 208 -28.50 20.80 -26.22
CA MET D 208 -27.96 20.35 -27.48
C MET D 208 -29.10 20.23 -28.49
N ASN D 209 -28.81 20.49 -29.76
CA ASN D 209 -29.84 20.42 -30.78
C ASN D 209 -30.10 18.95 -31.11
N ALA D 210 -30.76 18.29 -30.16
CA ALA D 210 -31.07 16.88 -30.25
C ALA D 210 -32.29 16.63 -31.13
N VAL D 215 -30.38 13.41 -33.05
CA VAL D 215 -30.18 12.65 -31.82
C VAL D 215 -31.42 11.82 -31.53
N ALA D 216 -32.56 12.50 -31.37
CA ALA D 216 -33.79 11.79 -31.05
C ALA D 216 -34.21 10.87 -32.19
N LYS D 217 -33.91 11.26 -33.43
CA LYS D 217 -34.34 10.47 -34.57
C LYS D 217 -33.62 9.13 -34.61
N ILE D 218 -32.33 9.12 -34.34
CA ILE D 218 -31.61 7.84 -34.37
C ILE D 218 -31.97 7.00 -33.16
N ILE D 219 -32.22 7.64 -32.03
CA ILE D 219 -32.58 6.88 -30.83
C ILE D 219 -33.90 6.16 -31.05
N ALA D 220 -34.90 6.87 -31.58
CA ALA D 220 -36.19 6.25 -31.86
C ALA D 220 -36.13 5.25 -33.01
N ALA D 221 -35.43 5.61 -34.09
CA ALA D 221 -35.46 4.79 -35.30
C ALA D 221 -34.93 3.39 -35.04
N ASN D 222 -33.92 3.26 -34.19
CA ASN D 222 -33.28 1.96 -33.93
C ASN D 222 -33.62 1.39 -32.56
N SER D 223 -34.72 1.84 -31.95
CA SER D 223 -35.12 1.26 -30.68
C SER D 223 -35.55 -0.19 -30.88
N SER D 224 -35.19 -1.04 -29.93
CA SER D 224 -35.55 -2.45 -30.00
C SER D 224 -35.31 -3.13 -28.65
N GLY E 501 22.55 -12.05 -3.71
CA GLY E 501 23.71 -11.21 -3.54
C GLY E 501 24.94 -11.99 -3.12
N GLU E 502 26.10 -11.35 -3.23
CA GLU E 502 27.36 -11.98 -2.85
C GLU E 502 27.55 -12.08 -1.35
N ALA E 503 26.77 -11.36 -0.55
CA ALA E 503 26.91 -11.38 0.90
C ALA E 503 25.58 -11.07 1.55
N GLY E 504 25.44 -11.51 2.80
CA GLY E 504 24.21 -11.25 3.52
C GLY E 504 24.29 -11.71 4.96
N ALA E 505 23.14 -11.68 5.63
CA ALA E 505 23.07 -12.00 7.05
C ALA E 505 21.71 -12.62 7.35
N TRP E 506 21.64 -13.32 8.48
CA TRP E 506 20.44 -14.02 8.88
C TRP E 506 20.42 -14.16 10.40
N ALA E 507 19.29 -14.66 10.92
CA ALA E 507 19.19 -15.08 12.30
C ALA E 507 18.20 -16.23 12.39
N ARG E 508 18.42 -17.10 13.40
CA ARG E 508 17.58 -18.28 13.56
C ARG E 508 17.34 -18.56 15.05
N ILE E 509 16.17 -19.11 15.34
CA ILE E 509 15.81 -19.57 16.67
C ILE E 509 15.83 -21.09 16.69
N MET E 510 16.58 -21.68 17.62
CA MET E 510 16.72 -23.13 17.70
C MET E 510 16.21 -23.59 19.06
N SER E 511 15.29 -24.55 19.04
CA SER E 511 14.70 -25.07 20.26
C SER E 511 14.22 -26.50 20.01
N GLY E 512 13.94 -27.21 21.09
CA GLY E 512 13.42 -28.57 21.00
C GLY E 512 11.98 -28.61 20.56
N THR E 525 16.35 -22.65 24.61
CA THR E 525 16.31 -22.02 23.30
C THR E 525 17.57 -21.21 23.06
N HIS E 526 18.18 -21.42 21.90
CA HIS E 526 19.36 -20.69 21.47
C HIS E 526 19.01 -19.76 20.32
N VAL E 527 19.63 -18.59 20.30
CA VAL E 527 19.35 -17.58 19.28
C VAL E 527 20.65 -17.31 18.53
N GLN E 528 20.64 -17.56 17.22
CA GLN E 528 21.80 -17.35 16.37
C GLN E 528 21.61 -16.13 15.50
N VAL E 529 22.68 -15.35 15.34
CA VAL E 529 22.76 -14.31 14.32
C VAL E 529 24.05 -14.57 13.56
N GLY E 530 24.01 -14.40 12.23
CA GLY E 530 25.22 -14.65 11.47
C GLY E 530 25.26 -13.92 10.14
N VAL E 531 26.43 -14.01 9.52
CA VAL E 531 26.73 -13.30 8.28
C VAL E 531 27.51 -14.25 7.39
N ASP E 532 27.29 -14.15 6.08
CA ASP E 532 28.04 -14.95 5.13
C ASP E 532 28.32 -14.17 3.86
N LYS E 533 29.07 -14.81 2.97
CA LYS E 533 29.42 -14.23 1.68
C LYS E 533 29.69 -15.35 0.67
N LYS E 534 29.21 -15.14 -0.55
CA LYS E 534 29.49 -16.02 -1.68
C LYS E 534 30.71 -15.48 -2.43
N HIS E 535 31.67 -16.36 -2.72
CA HIS E 535 32.90 -15.95 -3.39
C HIS E 535 32.90 -16.41 -4.83
N ASP E 541 33.56 -23.18 -6.64
CA ASP E 541 32.55 -22.75 -5.68
C ASP E 541 33.17 -22.50 -4.31
N LEU E 542 32.87 -21.33 -3.72
CA LEU E 542 33.32 -21.02 -2.37
C LEU E 542 32.26 -20.17 -1.69
N PHE E 543 31.88 -20.59 -0.48
CA PHE E 543 30.89 -19.87 0.32
C PHE E 543 31.35 -19.92 1.77
N THR E 544 31.35 -18.77 2.44
CA THR E 544 31.87 -18.74 3.81
C THR E 544 30.92 -17.95 4.70
N GLY E 545 31.11 -18.10 6.01
CA GLY E 545 30.36 -17.27 6.94
C GLY E 545 30.67 -17.64 8.37
N PHE E 546 29.99 -16.93 9.27
CA PHE E 546 30.16 -17.13 10.70
C PHE E 546 28.86 -16.80 11.42
N THR E 547 28.74 -17.33 12.63
CA THR E 547 27.58 -17.09 13.48
C THR E 547 28.04 -16.80 14.90
N VAL E 548 27.19 -16.09 15.63
CA VAL E 548 27.28 -15.93 17.08
C VAL E 548 25.94 -16.32 17.66
N THR E 549 25.95 -17.23 18.64
CA THR E 549 24.72 -17.79 19.17
C THR E 549 24.68 -17.61 20.69
N HIS E 550 23.61 -16.98 21.17
CA HIS E 550 23.38 -16.76 22.59
C HIS E 550 22.53 -17.89 23.15
N THR E 551 22.93 -18.41 24.30
CA THR E 551 22.26 -19.54 24.91
C THR E 551 21.39 -19.10 26.09
N VAL E 567 28.01 -16.59 25.88
CA VAL E 567 27.59 -16.54 24.48
C VAL E 567 28.63 -17.27 23.62
N GLY E 568 28.15 -18.14 22.74
CA GLY E 568 29.01 -18.89 21.85
C GLY E 568 29.11 -18.29 20.45
N ALA E 569 29.89 -18.98 19.62
CA ALA E 569 30.16 -18.54 18.26
C ALA E 569 30.72 -19.71 17.46
N GLY E 570 30.69 -19.56 16.13
CA GLY E 570 31.33 -20.53 15.28
C GLY E 570 31.49 -20.02 13.87
N LEU E 571 32.24 -20.80 13.08
CA LEU E 571 32.62 -20.46 11.71
C LEU E 571 32.26 -21.61 10.78
N TYR E 572 31.96 -21.29 9.53
CA TYR E 572 31.80 -22.35 8.54
C TYR E 572 32.24 -21.86 7.18
N ALA E 573 32.56 -22.83 6.32
CA ALA E 573 32.87 -22.57 4.92
C ALA E 573 32.63 -23.86 4.14
N SER E 574 32.26 -23.71 2.88
CA SER E 574 32.14 -24.86 2.00
C SER E 574 32.63 -24.51 0.60
N ALA E 575 33.12 -25.54 -0.10
CA ALA E 575 33.64 -25.34 -1.44
C ALA E 575 33.64 -26.66 -2.18
N MET E 576 33.79 -26.57 -3.51
CA MET E 576 33.83 -27.76 -4.35
C MET E 576 35.19 -28.44 -4.24
N PHE E 577 35.17 -29.76 -4.07
CA PHE E 577 36.38 -30.58 -4.06
C PHE E 577 36.17 -31.88 -4.83
N GLY E 580 32.35 -33.49 -8.83
CA GLY E 580 31.37 -32.63 -8.18
C GLY E 580 31.27 -32.85 -6.69
N ALA E 581 32.40 -33.20 -6.08
CA ALA E 581 32.46 -33.35 -4.64
C ALA E 581 32.68 -32.00 -3.96
N TYR E 582 32.18 -31.88 -2.73
CA TYR E 582 32.31 -30.67 -1.93
C TYR E 582 32.82 -31.04 -0.55
N ILE E 583 33.40 -30.05 0.13
CA ILE E 583 33.67 -30.13 1.56
C ILE E 583 32.96 -28.97 2.24
N ASP E 584 32.21 -29.28 3.31
CA ASP E 584 31.55 -28.29 4.14
C ASP E 584 32.05 -28.41 5.58
N LEU E 585 32.88 -27.45 6.00
CA LEU E 585 33.55 -27.50 7.29
C LEU E 585 32.82 -26.51 8.20
N ILE E 586 32.26 -27.02 9.30
CA ILE E 586 31.52 -26.21 10.27
C ILE E 586 32.07 -26.49 11.66
N GLY E 587 32.42 -25.44 12.40
CA GLY E 587 32.86 -25.66 13.76
C GLY E 587 32.38 -24.58 14.70
N LYS E 588 32.00 -24.94 15.93
CA LYS E 588 31.44 -23.94 16.82
C LYS E 588 31.53 -24.40 18.28
N TYR E 589 31.46 -23.42 19.16
CA TYR E 589 31.28 -23.62 20.60
C TYR E 589 30.08 -22.76 20.99
N VAL E 590 28.99 -23.40 21.40
CA VAL E 590 27.75 -22.71 21.71
C VAL E 590 27.05 -23.43 22.86
N TRP E 613 25.73 -26.90 26.90
CA TRP E 613 26.68 -26.24 26.01
C TRP E 613 27.26 -27.20 24.98
N TYR E 614 26.90 -26.97 23.71
CA TYR E 614 27.40 -27.80 22.62
C TYR E 614 28.79 -27.31 22.25
N ALA E 615 29.70 -28.23 21.99
CA ALA E 615 31.00 -27.87 21.44
C ALA E 615 31.47 -28.93 20.46
N GLY E 616 31.82 -28.53 19.26
CA GLY E 616 32.26 -29.51 18.28
C GLY E 616 32.24 -28.95 16.86
N ALA E 617 32.50 -29.85 15.93
CA ALA E 617 32.56 -29.47 14.52
C ALA E 617 32.22 -30.66 13.64
N GLU E 618 31.71 -30.37 12.45
CA GLU E 618 31.34 -31.39 11.48
C GLU E 618 32.03 -31.12 10.15
N ALA E 619 32.25 -32.20 9.42
CA ALA E 619 32.92 -32.16 8.13
C ALA E 619 32.46 -33.36 7.32
N GLY E 620 32.70 -33.30 6.02
CA GLY E 620 32.39 -34.42 5.16
C GLY E 620 32.93 -34.22 3.77
N TYR E 621 32.52 -35.11 2.87
CA TYR E 621 32.98 -35.05 1.48
C TYR E 621 31.90 -35.63 0.59
N ARG E 622 31.53 -34.89 -0.44
CA ARG E 622 30.59 -35.38 -1.46
C ARG E 622 31.35 -36.14 -2.55
N GLU E 627 26.42 -35.61 -12.73
CA GLU E 627 26.57 -35.21 -11.34
C GLU E 627 25.29 -34.56 -10.82
N ASP E 628 24.15 -35.16 -11.16
CA ASP E 628 22.86 -34.64 -10.76
C ASP E 628 22.36 -35.26 -9.45
N ALA E 629 23.19 -36.12 -8.85
CA ALA E 629 22.85 -36.81 -7.62
C ALA E 629 24.16 -37.06 -6.88
N TRP E 630 24.09 -37.20 -5.57
CA TRP E 630 25.32 -37.38 -4.81
C TRP E 630 25.11 -38.15 -3.53
N ILE E 631 26.25 -38.68 -3.04
CA ILE E 631 26.40 -39.31 -1.74
C ILE E 631 27.54 -38.58 -1.04
N GLU E 632 27.29 -38.11 0.18
CA GLU E 632 28.23 -37.28 0.92
C GLU E 632 28.45 -37.81 2.34
N PRO E 633 29.43 -38.68 2.54
CA PRO E 633 29.73 -39.12 3.90
C PRO E 633 30.12 -37.94 4.77
N GLN E 634 29.64 -37.94 6.02
CA GLN E 634 29.96 -36.90 6.99
C GLN E 634 30.24 -37.53 8.34
N ALA E 635 31.04 -36.80 9.13
CA ALA E 635 31.30 -37.15 10.51
C ALA E 635 31.64 -35.86 11.26
N GLU E 636 31.51 -35.90 12.58
CA GLU E 636 31.86 -34.75 13.40
C GLU E 636 32.72 -35.17 14.59
N LEU E 637 33.51 -34.20 15.05
CA LEU E 637 34.28 -34.29 16.28
C LEU E 637 33.50 -33.63 17.41
N VAL E 638 33.28 -34.37 18.49
CA VAL E 638 32.56 -33.91 19.67
C VAL E 638 33.53 -33.97 20.85
N TYR E 639 33.59 -32.87 21.60
CA TYR E 639 34.41 -32.82 22.80
C TYR E 639 33.60 -33.20 24.03
N GLY E 640 34.23 -33.97 24.92
CA GLY E 640 33.57 -34.42 26.13
C GLY E 640 32.26 -35.14 25.88
N LEU E 666 31.13 -37.26 23.98
CA LEU E 666 31.86 -37.66 22.79
C LEU E 666 30.97 -38.42 21.82
N ILE E 667 29.67 -38.09 21.82
CA ILE E 667 28.70 -38.71 20.94
C ILE E 667 28.21 -37.67 19.95
N GLY E 668 28.30 -37.99 18.67
CA GLY E 668 27.86 -37.08 17.63
C GLY E 668 27.33 -37.84 16.42
N ARG E 669 27.10 -37.15 15.31
CA ARG E 669 26.51 -37.78 14.14
C ARG E 669 27.60 -38.29 13.21
N THR E 670 27.63 -39.61 12.99
CA THR E 670 28.52 -40.24 12.03
C THR E 670 27.62 -40.92 11.02
N GLY E 671 27.78 -40.62 9.74
CA GLY E 671 26.86 -41.20 8.77
C GLY E 671 27.11 -40.66 7.38
N VAL E 672 26.20 -40.99 6.48
CA VAL E 672 26.32 -40.61 5.07
C VAL E 672 25.01 -39.99 4.62
N ASP E 673 25.10 -38.76 4.12
CA ASP E 673 23.97 -38.06 3.52
C ASP E 673 23.88 -38.40 2.04
N VAL E 674 22.68 -38.32 1.48
CA VAL E 674 22.46 -38.52 0.06
C VAL E 674 21.54 -37.41 -0.41
N GLY E 675 21.49 -37.23 -1.73
CA GLY E 675 20.46 -36.36 -2.28
C GLY E 675 20.56 -36.29 -3.78
N LYS E 676 19.55 -35.65 -4.38
CA LYS E 676 19.53 -35.53 -5.83
C LYS E 676 18.91 -34.20 -6.23
N SER E 677 19.47 -33.59 -7.26
CA SER E 677 18.95 -32.35 -7.84
C SER E 677 18.12 -32.62 -9.08
N PHE E 678 16.98 -31.94 -9.18
CA PHE E 678 16.12 -31.99 -10.36
C PHE E 678 15.88 -30.57 -10.82
N SER E 679 15.59 -30.42 -12.10
CA SER E 679 15.29 -29.10 -12.65
C SER E 679 14.40 -29.27 -13.87
N GLY E 680 13.76 -28.16 -14.23
CA GLY E 680 12.98 -28.10 -15.45
C GLY E 680 12.74 -26.64 -15.77
N LYS E 681 12.11 -26.42 -16.92
CA LYS E 681 11.98 -25.06 -17.42
C LYS E 681 11.17 -24.20 -16.47
N ASP E 682 10.28 -24.81 -15.70
CA ASP E 682 9.44 -24.05 -14.78
C ASP E 682 9.79 -24.28 -13.32
N TRP E 683 10.90 -24.95 -12.99
CA TRP E 683 11.09 -25.27 -11.58
C TRP E 683 12.49 -25.80 -11.32
N LYS E 684 12.81 -25.90 -10.02
CA LYS E 684 14.01 -26.55 -9.52
C LYS E 684 13.65 -27.24 -8.22
N VAL E 685 14.19 -28.44 -7.99
CA VAL E 685 13.93 -29.16 -6.75
C VAL E 685 15.25 -29.76 -6.25
N THR E 686 15.49 -29.65 -4.95
CA THR E 686 16.57 -30.38 -4.30
C THR E 686 15.97 -31.35 -3.29
N ALA E 687 16.31 -32.64 -3.43
CA ALA E 687 15.84 -33.68 -2.53
C ALA E 687 17.02 -34.05 -1.66
N ARG E 688 16.84 -33.97 -0.33
CA ARG E 688 17.93 -34.27 0.60
C ARG E 688 17.48 -35.37 1.55
N ALA E 689 18.44 -36.20 1.97
CA ALA E 689 18.19 -37.21 2.97
C ALA E 689 19.53 -37.66 3.51
N GLY E 690 19.50 -38.34 4.66
CA GLY E 690 20.72 -39.02 5.10
C GLY E 690 20.44 -39.95 6.25
N LEU E 691 21.44 -40.81 6.50
CA LEU E 691 21.36 -41.83 7.52
C LEU E 691 22.66 -41.84 8.30
N GLY E 692 22.57 -42.06 9.60
CA GLY E 692 23.76 -42.13 10.42
C GLY E 692 23.42 -42.61 11.80
N TYR E 693 24.32 -42.37 12.75
CA TYR E 693 24.09 -42.79 14.12
C TYR E 693 24.78 -41.80 15.05
N GLN E 694 24.34 -41.84 16.31
CA GLN E 694 24.88 -41.01 17.36
C GLN E 694 26.06 -41.68 18.05
N MET E 722 20.80 -44.47 15.99
CA MET E 722 20.07 -44.35 14.73
C MET E 722 19.64 -42.92 14.48
N LEU E 723 20.01 -42.40 13.31
CA LEU E 723 19.63 -41.07 12.84
C LEU E 723 19.15 -41.21 11.41
N MET E 724 18.01 -40.63 11.10
CA MET E 724 17.51 -40.50 9.74
C MET E 724 16.95 -39.10 9.55
N SER E 725 17.20 -38.50 8.40
CA SER E 725 16.62 -37.19 8.12
C SER E 725 16.30 -37.09 6.64
N VAL E 726 15.24 -36.35 6.32
CA VAL E 726 14.88 -36.05 4.95
C VAL E 726 14.52 -34.57 4.84
N GLY E 727 14.45 -34.10 3.60
CA GLY E 727 13.89 -32.79 3.32
C GLY E 727 13.77 -32.54 1.84
N LEU E 728 13.07 -31.45 1.53
CA LEU E 728 12.78 -31.01 0.18
C LEU E 728 12.90 -29.50 0.14
N ASN E 729 13.54 -28.98 -0.91
CA ASN E 729 13.64 -27.54 -1.14
C ASN E 729 13.28 -27.32 -2.61
N ALA E 730 12.13 -26.71 -2.89
CA ALA E 730 11.68 -26.62 -4.26
C ALA E 730 11.15 -25.23 -4.55
N GLU E 731 11.38 -24.79 -5.79
CA GLU E 731 10.91 -23.50 -6.24
C GLU E 731 10.31 -23.67 -7.64
N ILE E 732 9.27 -22.89 -7.89
CA ILE E 732 8.58 -22.83 -9.16
C ILE E 732 8.97 -21.55 -9.87
N ARG E 733 9.00 -21.61 -11.21
CA ARG E 733 9.35 -20.45 -12.01
C ARG E 733 8.36 -19.32 -11.83
N ASP E 734 7.25 -19.55 -11.14
CA ASP E 734 6.26 -18.55 -10.87
C ASP E 734 6.34 -18.20 -9.38
N ASN E 735 5.28 -17.64 -8.83
CA ASN E 735 5.31 -17.19 -7.45
C ASN E 735 5.33 -18.32 -6.43
N VAL E 736 5.10 -19.58 -6.82
CA VAL E 736 4.95 -20.66 -5.84
C VAL E 736 6.30 -21.19 -5.41
N ARG E 737 6.43 -21.45 -4.10
CA ARG E 737 7.63 -22.05 -3.50
C ARG E 737 7.21 -23.12 -2.49
N PHE E 738 8.00 -24.20 -2.38
CA PHE E 738 7.72 -25.26 -1.42
C PHE E 738 8.96 -25.57 -0.59
N GLY E 739 8.72 -26.12 0.61
CA GLY E 739 9.80 -26.71 1.38
C GLY E 739 9.30 -27.64 2.46
N LEU E 740 10.16 -28.59 2.84
CA LEU E 740 9.87 -29.56 3.90
C LEU E 740 11.16 -30.01 4.57
N GLU E 741 11.08 -30.22 5.88
CA GLU E 741 12.12 -30.80 6.71
C GLU E 741 11.51 -31.90 7.57
N PHE E 742 12.27 -32.96 7.82
CA PHE E 742 11.88 -33.92 8.85
C PHE E 742 13.10 -34.68 9.36
N GLU E 743 13.15 -34.88 10.68
CA GLU E 743 14.18 -35.66 11.36
C GLU E 743 13.52 -36.73 12.21
N LYS E 744 14.16 -37.91 12.26
CA LYS E 744 13.79 -38.98 13.17
C LYS E 744 15.05 -39.62 13.73
N SER E 745 15.01 -40.05 14.98
CA SER E 745 16.18 -40.66 15.59
C SER E 745 15.75 -41.61 16.70
N ALA E 746 16.70 -42.46 17.10
CA ALA E 746 16.48 -43.38 18.22
C ALA E 746 17.82 -43.89 18.75
N PHE E 747 17.81 -44.23 20.03
CA PHE E 747 18.85 -45.00 20.72
C PHE E 747 20.18 -44.27 20.90
N GLY E 748 20.24 -42.96 20.62
CA GLY E 748 21.49 -42.24 20.85
C GLY E 748 21.40 -41.25 22.00
N LYS E 749 22.06 -40.10 21.86
CA LYS E 749 22.08 -39.12 22.93
C LYS E 749 20.81 -38.27 22.94
N TYR E 750 20.11 -38.22 21.82
CA TYR E 750 18.81 -37.57 21.69
C TYR E 750 17.94 -38.45 20.82
N ASN E 751 16.62 -38.31 20.99
CA ASN E 751 15.65 -39.12 20.25
C ASN E 751 14.58 -38.21 19.68
N VAL E 752 14.46 -38.21 18.36
CA VAL E 752 13.43 -37.44 17.65
C VAL E 752 12.38 -38.41 17.15
N ASP E 753 11.15 -38.27 17.66
CA ASP E 753 10.04 -39.09 17.18
C ASP E 753 9.29 -38.45 16.03
N ASN E 754 9.20 -37.12 16.00
CA ASN E 754 8.46 -36.43 14.94
C ASN E 754 8.96 -35.00 14.87
N ALA E 755 9.47 -34.60 13.71
CA ALA E 755 9.93 -33.24 13.45
C ALA E 755 9.44 -32.77 12.10
N VAL E 756 8.16 -33.01 11.80
CA VAL E 756 7.61 -32.63 10.50
C VAL E 756 7.48 -31.12 10.43
N ASN E 757 8.05 -30.52 9.39
CA ASN E 757 7.92 -29.09 9.12
C ASN E 757 7.75 -28.90 7.63
N ALA E 758 6.64 -28.30 7.19
CA ALA E 758 6.44 -28.13 5.76
C ALA E 758 5.66 -26.86 5.51
N ASN E 759 5.98 -26.21 4.39
CA ASN E 759 5.34 -24.94 4.06
C ASN E 759 5.38 -24.72 2.55
N PHE E 760 4.73 -23.63 2.13
CA PHE E 760 4.84 -23.11 0.79
C PHE E 760 4.40 -21.66 0.78
N ARG E 761 4.73 -20.97 -0.31
CA ARG E 761 4.39 -19.58 -0.55
C ARG E 761 3.76 -19.40 -1.92
N TYR E 762 2.78 -18.50 -2.02
CA TYR E 762 2.21 -18.12 -3.30
C TYR E 762 1.94 -16.62 -3.30
N CYS E 763 2.23 -16.00 -4.43
CA CYS E 763 1.94 -14.59 -4.69
C CYS E 763 1.19 -14.46 -6.00
N PHE E 764 0.36 -13.43 -6.10
CA PHE E 764 -0.49 -13.27 -7.27
C PHE E 764 0.28 -12.54 -8.37
#